data_7XMD
#
_entry.id   7XMD
#
_cell.length_a   1.00
_cell.length_b   1.00
_cell.length_c   1.00
_cell.angle_alpha   90.00
_cell.angle_beta   90.00
_cell.angle_gamma   90.00
#
_symmetry.space_group_name_H-M   'P 1'
#
loop_
_entity.id
_entity.type
_entity.pdbx_description
1 polymer 'Cytochrome bo(3) ubiquinol oxidase subunit 1'
2 polymer 'Ubiquinol oxidase subunit 2'
3 polymer 'Cytochrome bo(3) ubiquinol oxidase subunit 3'
4 polymer 'Cytochrome bo(3) ubiquinol oxidase subunit 4'
5 non-polymer 'HEME O'
6 non-polymer 'PROTOPORPHYRIN IX CONTAINING FE'
7 non-polymer 'COPPER (II) ION'
8 non-polymer 1,2-dioleoyl-sn-glycero-3-phosphoethanolamine
9 non-polymer 'methyl 3-oxidanyl-5-[oxidanyl(oxidanylidene)-$l^{4}-azanyl]-1-benzothiophene-2-carboxylate'
10 non-polymer 'UNKNOWN ATOM OR ION'
#
loop_
_entity_poly.entity_id
_entity_poly.type
_entity_poly.pdbx_seq_one_letter_code
_entity_poly.pdbx_strand_id
1 'polypeptide(L)'
;MFGKLSLDAVPFHEPIVMVTIAGIILGGLALVGLITYFGKWTYLWKEWLTSVDHKRLGIMYIIVAIVMLLRGFADAIMMR
SQQALASAGEAGFLPPHHYDQIFTAHGVIMIFFVAMPFVIGLMNLVVPLQIGARDVAFPFLNNLSFWFTVVGVILVNVSL
GVGEFAQTGWLAYPPLSGIEYSPGVGVDYWIWSLQLSGIGTTLTGINFFVTILKMRAPGMTMFKMPVFTWASLCANVLII
ASFPILTVTVALLTLDRYLGTHFFTNDMGGNMMMYINLIWAWGHPEVYILILPVFGVFSEIAATFSRKRLFGYTSLVWAT
VCITVLSFIVWLHHFFTMGAGANVNAFFGITTMIIAIPTGVKIFNWLFTMYQGRIVFHSAMLWTIGFIVTFSVGGMTGVL
LAVPGADFVLHNSLFLIAHFHNVIIGGVVFGCFAGMTYWWPKAFGFKLNETWGKRAFWFWIIGFFVAFMPLYALGFMGMT
RRLSQQIDPQFHTMLMIAASGAVLIALGILCLVIQMYVSIRDRDQNRDLTGDPWGGRTLEWATSSPPPFYNFAVVPHVHE
RDAFWEMKEKGEAYKKPDHYEEIHMPKNSGAGIVIAAFSTIFGFAMIWHIWWLAIVGFAGMIITWIVKSFDEDVDYYVPV
AEIEKLENQHFDEITKAGLKNGN
;
A
2 'polypeptide(L)'
;MRLRKYNKSLGWLSLFAGTVLLSGCNSALLDPKGQIGLEQRSLILTAFGLMLIVVIPAILMAVGFAWKYRASNKDAKYSP
NWSHSNKVEAVVWTVPILIIIFLAVLTWKTTHALEPSKPLAHDEKPITIEVVSMDWKWFFIYPEQGIATVNEIAFPANTP
VYFKVTSNSVMNSFFIPRLGSQIYAMAGMQTRLHLIANEPGTYDGISASYSGPGFSGMKFKAIATPDRAAFDQWVAKAKQ
SPNTMSDMAAFEKLAAPSEYNQVEYFSNVKPDLFADVINKFMAHGKSMDMTQPEGEHSAHEGMEGMDMSHAESAHHHHHH
HHHR
;
B
3 'polypeptide(L)'
;MATDTLTHATAHAHEHGHHDAGGTKIFGFWIYLMSDCILFSILFATYAVLVNGTAGGPTGKDIFELPFVLVETFLLLFSS
ITYGMAAIAMYKNNKSQVISWLALTWLFGAGFIGMEIYEFHHLIVNGMGPDRSGFLSAFFALVGTHGLHVTSGLIWMAVL
MVQIARRGLTSTNRTRIMCLSLFWHFLDVVWICVFTVVYLMGAM
;
C
4 'polypeptide(L)'
;MSHSTDHSGASHGSVKTYMTGFILSIILTVIPFWMVMTGAASPAVILGTILAMAVVQVLVHLVCFLHMNTKSDEGWNMTA
FVFTVLIIAILVVGSIWIMWNLNYNMMMH
;
D
#
# COMPACT_ATOMS: atom_id res chain seq x y z
N LYS A 4 11.15 -27.39 -21.64
CA LYS A 4 9.71 -27.41 -21.42
C LYS A 4 9.18 -26.01 -21.16
N LEU A 5 8.23 -25.58 -21.98
CA LEU A 5 7.52 -24.33 -21.75
C LEU A 5 6.49 -24.43 -20.63
N SER A 6 6.25 -25.63 -20.13
CA SER A 6 5.43 -25.87 -18.93
C SER A 6 4.01 -25.38 -19.18
N LEU A 7 3.41 -24.62 -18.27
CA LEU A 7 2.00 -24.25 -18.31
C LEU A 7 1.69 -23.22 -19.39
N ASP A 8 2.70 -22.75 -20.13
CA ASP A 8 2.51 -21.62 -21.03
C ASP A 8 1.45 -21.92 -22.09
N ALA A 9 1.69 -22.95 -22.92
CA ALA A 9 0.80 -23.30 -24.03
C ALA A 9 0.61 -22.10 -24.95
N VAL A 10 -0.39 -22.17 -25.83
CA VAL A 10 -0.62 -21.03 -26.72
C VAL A 10 -2.11 -20.67 -26.88
N PRO A 11 -2.94 -20.68 -25.83
CA PRO A 11 -4.08 -19.75 -25.83
C PRO A 11 -3.69 -18.39 -25.26
N PHE A 12 -3.54 -17.37 -26.11
CA PHE A 12 -3.26 -16.03 -25.58
C PHE A 12 -4.56 -15.29 -25.26
N HIS A 13 -5.26 -14.83 -26.31
CA HIS A 13 -6.60 -14.28 -26.15
C HIS A 13 -7.46 -14.55 -27.37
N GLU A 14 -7.18 -15.62 -28.11
CA GLU A 14 -7.81 -15.81 -29.41
C GLU A 14 -9.34 -15.80 -29.39
N PRO A 15 -10.04 -16.43 -28.44
CA PRO A 15 -11.51 -16.41 -28.49
C PRO A 15 -12.14 -15.03 -28.39
N ILE A 16 -11.45 -14.05 -27.81
CA ILE A 16 -12.03 -12.74 -27.55
C ILE A 16 -11.27 -11.71 -28.36
N VAL A 17 -11.93 -10.59 -28.66
CA VAL A 17 -11.26 -9.49 -29.31
C VAL A 17 -10.66 -8.57 -28.25
N MET A 18 -9.53 -8.99 -27.69
CA MET A 18 -8.59 -8.12 -27.00
C MET A 18 -7.20 -8.26 -27.57
N VAL A 19 -7.09 -9.01 -28.68
CA VAL A 19 -5.86 -9.10 -29.45
C VAL A 19 -5.73 -7.94 -30.41
N THR A 20 -6.75 -7.11 -30.54
CA THR A 20 -6.55 -5.82 -31.20
C THR A 20 -5.62 -4.96 -30.38
N ILE A 21 -5.86 -4.86 -29.07
CA ILE A 21 -5.00 -4.05 -28.22
C ILE A 21 -3.63 -4.70 -28.10
N ALA A 22 -3.59 -6.01 -27.86
CA ALA A 22 -2.34 -6.74 -27.97
C ALA A 22 -1.77 -6.61 -29.37
N GLY A 23 -2.63 -6.45 -30.38
CA GLY A 23 -2.15 -6.18 -31.72
C GLY A 23 -1.63 -4.77 -31.91
N ILE A 24 -2.17 -3.81 -31.16
CA ILE A 24 -1.73 -2.42 -31.28
C ILE A 24 -0.62 -2.07 -30.30
N ILE A 25 -0.44 -2.85 -29.24
CA ILE A 25 0.69 -2.62 -28.34
C ILE A 25 1.98 -3.19 -28.92
N LEU A 26 1.89 -4.24 -29.76
CA LEU A 26 3.07 -4.72 -30.45
C LEU A 26 3.34 -3.96 -31.74
N GLY A 27 2.32 -3.36 -32.34
CA GLY A 27 2.52 -2.51 -33.50
C GLY A 27 3.15 -1.20 -33.07
N GLY A 28 2.60 -0.58 -32.03
CA GLY A 28 3.16 0.65 -31.51
C GLY A 28 4.59 0.47 -31.06
N LEU A 29 4.87 -0.65 -30.37
CA LEU A 29 6.24 -1.00 -30.06
C LEU A 29 7.07 -1.04 -31.33
N ALA A 30 6.58 -1.75 -32.35
CA ALA A 30 7.26 -1.74 -33.64
C ALA A 30 7.52 -0.31 -34.09
N LEU A 31 6.52 0.56 -33.95
CA LEU A 31 6.69 1.96 -34.31
C LEU A 31 7.88 2.55 -33.59
N VAL A 32 7.93 2.43 -32.26
CA VAL A 32 9.07 3.01 -31.56
C VAL A 32 10.33 2.24 -31.92
N GLY A 33 10.21 0.93 -32.14
CA GLY A 33 11.35 0.17 -32.61
C GLY A 33 11.89 0.72 -33.91
N LEU A 34 10.99 1.19 -34.78
CA LEU A 34 11.45 1.91 -35.96
C LEU A 34 11.93 3.31 -35.59
N ILE A 35 11.17 4.03 -34.76
CA ILE A 35 11.48 5.42 -34.48
C ILE A 35 12.84 5.55 -33.81
N THR A 36 13.12 4.68 -32.84
CA THR A 36 14.43 4.68 -32.22
C THR A 36 15.50 4.24 -33.22
N TYR A 37 15.16 3.32 -34.11
CA TYR A 37 16.11 2.94 -35.16
C TYR A 37 16.39 4.12 -36.09
N PHE A 38 15.34 4.83 -36.49
CA PHE A 38 15.50 6.02 -37.34
C PHE A 38 15.86 7.23 -36.47
N GLY A 39 17.01 7.12 -35.81
CA GLY A 39 17.42 8.12 -34.86
C GLY A 39 18.45 7.62 -33.87
N LYS A 40 18.20 7.83 -32.59
CA LYS A 40 19.21 7.65 -31.55
C LYS A 40 18.86 6.43 -30.70
N TRP A 41 19.74 5.43 -30.73
CA TRP A 41 19.66 4.25 -29.86
C TRP A 41 20.76 4.23 -28.82
N THR A 42 21.98 4.62 -29.19
CA THR A 42 23.06 4.71 -28.22
C THR A 42 22.86 5.87 -27.26
N TYR A 43 22.16 6.92 -27.67
CA TYR A 43 21.79 7.97 -26.73
C TYR A 43 20.79 7.46 -25.72
N LEU A 44 19.77 6.73 -26.19
CA LEU A 44 18.73 6.22 -25.32
C LEU A 44 19.27 5.17 -24.35
N TRP A 45 20.43 4.58 -24.63
CA TRP A 45 21.06 3.65 -23.71
C TRP A 45 22.09 4.33 -22.82
N LYS A 46 22.91 5.23 -23.36
CA LYS A 46 23.97 5.84 -22.58
C LYS A 46 23.43 6.87 -21.59
N GLU A 47 22.48 7.69 -22.02
CA GLU A 47 21.97 8.77 -21.19
C GLU A 47 20.74 8.35 -20.38
N TRP A 48 19.72 7.85 -21.06
CA TRP A 48 18.60 7.19 -20.42
C TRP A 48 18.82 5.68 -20.42
N LEU A 49 17.97 4.97 -19.69
CA LEU A 49 17.90 3.51 -19.63
C LEU A 49 19.09 2.92 -18.88
N THR A 50 20.08 3.73 -18.51
CA THR A 50 21.18 3.26 -17.67
C THR A 50 21.53 4.30 -16.62
N SER A 51 20.78 5.41 -16.57
CA SER A 51 21.20 6.57 -15.81
C SER A 51 21.09 6.31 -14.31
N VAL A 52 22.06 6.83 -13.58
CA VAL A 52 21.99 6.94 -12.13
C VAL A 52 21.67 8.35 -11.69
N ASP A 53 21.26 9.20 -12.63
CA ASP A 53 20.90 10.57 -12.35
C ASP A 53 19.45 10.63 -11.91
N HIS A 54 19.20 11.29 -10.78
CA HIS A 54 17.85 11.34 -10.23
C HIS A 54 16.88 12.04 -11.17
N LYS A 55 17.37 13.01 -11.94
CA LYS A 55 16.48 13.75 -12.83
C LYS A 55 16.00 12.89 -13.98
N ARG A 56 16.91 12.18 -14.63
CA ARG A 56 16.52 11.32 -15.74
C ARG A 56 15.70 10.14 -15.27
N LEU A 57 16.02 9.58 -14.10
CA LEU A 57 15.23 8.48 -13.57
C LEU A 57 13.84 8.95 -13.16
N GLY A 58 13.71 10.16 -12.61
CA GLY A 58 12.39 10.69 -12.31
C GLY A 58 11.58 10.94 -13.56
N ILE A 59 12.22 11.46 -14.61
CA ILE A 59 11.53 11.68 -15.87
C ILE A 59 11.05 10.35 -16.45
N MET A 60 11.89 9.32 -16.37
CA MET A 60 11.48 8.00 -16.88
C MET A 60 10.35 7.41 -16.04
N TYR A 61 10.41 7.60 -14.72
CA TYR A 61 9.31 7.20 -13.85
C TYR A 61 8.01 7.85 -14.29
N ILE A 62 8.04 9.16 -14.57
CA ILE A 62 6.83 9.87 -14.94
C ILE A 62 6.36 9.44 -16.32
N ILE A 63 7.28 9.13 -17.22
CA ILE A 63 6.89 8.64 -18.55
C ILE A 63 6.17 7.30 -18.43
N VAL A 64 6.72 6.39 -17.62
CA VAL A 64 6.05 5.11 -17.37
C VAL A 64 4.70 5.34 -16.72
N ALA A 65 4.63 6.31 -15.80
CA ALA A 65 3.36 6.60 -15.13
C ALA A 65 2.30 7.08 -16.12
N ILE A 66 2.68 7.95 -17.05
CA ILE A 66 1.73 8.43 -18.07
C ILE A 66 1.31 7.29 -18.97
N VAL A 67 2.28 6.47 -19.42
CA VAL A 67 1.96 5.38 -20.33
C VAL A 67 0.99 4.40 -19.67
N MET A 68 1.24 4.05 -18.41
CA MET A 68 0.31 3.17 -17.71
C MET A 68 -0.98 3.87 -17.34
N LEU A 69 -0.97 5.20 -17.22
CA LEU A 69 -2.21 5.92 -17.01
C LEU A 69 -3.12 5.81 -18.22
N LEU A 70 -2.54 5.70 -19.42
CA LEU A 70 -3.39 5.51 -20.59
C LEU A 70 -4.10 4.16 -20.57
N ARG A 71 -3.43 3.10 -20.14
CA ARG A 71 -4.09 1.79 -20.09
C ARG A 71 -5.06 1.71 -18.92
N GLY A 72 -4.70 2.29 -17.78
CA GLY A 72 -5.63 2.31 -16.66
C GLY A 72 -6.89 3.09 -16.99
N PHE A 73 -6.74 4.20 -17.70
CA PHE A 73 -7.93 4.94 -18.10
C PHE A 73 -8.70 4.22 -19.19
N ALA A 74 -8.03 3.45 -20.06
CA ALA A 74 -8.77 2.62 -21.00
C ALA A 74 -9.61 1.59 -20.26
N ASP A 75 -9.04 0.99 -19.21
CA ASP A 75 -9.82 0.09 -18.37
C ASP A 75 -10.98 0.82 -17.71
N ALA A 76 -10.77 2.06 -17.28
CA ALA A 76 -11.84 2.82 -16.65
C ALA A 76 -12.96 3.10 -17.64
N ILE A 77 -12.61 3.44 -18.88
CA ILE A 77 -13.62 3.71 -19.90
C ILE A 77 -14.38 2.44 -20.23
N MET A 78 -13.68 1.30 -20.34
CA MET A 78 -14.37 0.06 -20.62
C MET A 78 -15.31 -0.32 -19.48
N MET A 79 -14.89 -0.12 -18.24
CA MET A 79 -15.76 -0.42 -17.11
C MET A 79 -16.96 0.50 -17.07
N ARG A 80 -16.77 1.78 -17.39
CA ARG A 80 -17.89 2.70 -17.35
C ARG A 80 -18.88 2.43 -18.46
N SER A 81 -18.41 2.05 -19.64
CA SER A 81 -19.34 1.69 -20.71
C SER A 81 -20.02 0.36 -20.43
N GLN A 82 -19.31 -0.59 -19.83
CA GLN A 82 -19.94 -1.85 -19.47
C GLN A 82 -21.04 -1.64 -18.43
N GLN A 83 -20.79 -0.77 -17.45
CA GLN A 83 -21.81 -0.52 -16.44
C GLN A 83 -22.95 0.33 -16.98
N ALA A 84 -22.69 1.20 -17.95
CA ALA A 84 -23.78 1.91 -18.61
C ALA A 84 -24.65 0.96 -19.41
N LEU A 85 -24.03 0.02 -20.12
CA LEU A 85 -24.79 -0.90 -20.97
C LEU A 85 -25.53 -1.94 -20.16
N ALA A 86 -24.90 -2.45 -19.09
CA ALA A 86 -25.53 -3.52 -18.32
C ALA A 86 -26.79 -3.03 -17.62
N SER A 87 -26.71 -1.86 -17.01
CA SER A 87 -27.93 -1.15 -16.63
C SER A 87 -28.67 -0.77 -17.90
N ALA A 88 -30.00 -0.69 -17.80
CA ALA A 88 -30.96 -0.61 -18.90
C ALA A 88 -31.18 -1.97 -19.55
N GLY A 89 -30.53 -3.02 -19.07
CA GLY A 89 -30.79 -4.38 -19.53
C GLY A 89 -29.83 -5.06 -20.47
N GLU A 90 -29.42 -4.37 -21.54
CA GLU A 90 -28.57 -4.96 -22.56
C GLU A 90 -27.32 -5.57 -21.94
N ALA A 91 -27.00 -6.79 -22.36
CA ALA A 91 -25.75 -7.41 -21.96
C ALA A 91 -24.59 -6.62 -22.57
N GLY A 92 -23.62 -6.28 -21.73
CA GLY A 92 -22.53 -5.43 -22.18
C GLY A 92 -21.59 -6.15 -23.12
N PHE A 93 -20.58 -5.41 -23.55
CA PHE A 93 -19.55 -5.96 -24.42
C PHE A 93 -18.45 -6.65 -23.64
N LEU A 94 -18.54 -6.68 -22.31
CA LEU A 94 -17.56 -7.34 -21.46
C LEU A 94 -18.22 -8.44 -20.67
N PRO A 95 -17.86 -9.70 -20.88
CA PRO A 95 -18.35 -10.78 -20.01
C PRO A 95 -17.76 -10.62 -18.62
N PRO A 96 -18.29 -11.35 -17.62
CA PRO A 96 -17.76 -11.19 -16.26
C PRO A 96 -16.29 -11.55 -16.14
N HIS A 97 -15.83 -12.58 -16.82
CA HIS A 97 -14.43 -13.00 -16.65
C HIS A 97 -13.47 -11.94 -17.16
N HIS A 98 -13.88 -11.17 -18.16
CA HIS A 98 -13.04 -10.08 -18.65
C HIS A 98 -13.25 -8.80 -17.87
N TYR A 99 -14.47 -8.50 -17.42
CA TYR A 99 -14.67 -7.31 -16.62
C TYR A 99 -13.92 -7.39 -15.29
N ASP A 100 -13.84 -8.60 -14.71
CA ASP A 100 -13.11 -8.74 -13.47
C ASP A 100 -11.62 -8.48 -13.68
N GLN A 101 -11.05 -9.02 -14.75
CA GLN A 101 -9.69 -8.70 -15.12
C GLN A 101 -9.53 -7.20 -15.29
N ILE A 102 -10.52 -6.56 -15.89
CA ILE A 102 -10.37 -5.15 -16.22
C ILE A 102 -10.38 -4.30 -14.97
N PHE A 103 -11.26 -4.57 -14.01
CA PHE A 103 -11.23 -3.72 -12.82
C PHE A 103 -10.03 -4.06 -11.93
N THR A 104 -9.61 -5.33 -11.88
CA THR A 104 -8.43 -5.63 -11.09
C THR A 104 -7.17 -5.00 -11.68
N ALA A 105 -7.06 -5.01 -13.00
CA ALA A 105 -5.93 -4.38 -13.66
C ALA A 105 -6.01 -2.87 -13.61
N HIS A 106 -7.22 -2.30 -13.64
CA HIS A 106 -7.32 -0.86 -13.43
C HIS A 106 -6.81 -0.47 -12.05
N GLY A 107 -7.21 -1.21 -11.03
CA GLY A 107 -6.77 -0.85 -9.70
C GLY A 107 -5.28 -1.04 -9.53
N VAL A 108 -4.73 -2.14 -10.08
CA VAL A 108 -3.32 -2.42 -9.91
C VAL A 108 -2.47 -1.44 -10.71
N ILE A 109 -2.84 -1.19 -11.97
CA ILE A 109 -2.09 -0.28 -12.81
C ILE A 109 -2.13 1.14 -12.24
N MET A 110 -3.28 1.55 -11.72
CA MET A 110 -3.39 2.91 -11.23
C MET A 110 -2.69 3.11 -9.90
N ILE A 111 -2.80 2.14 -8.97
CA ILE A 111 -2.18 2.33 -7.68
C ILE A 111 -0.67 2.13 -7.77
N PHE A 112 -0.22 1.11 -8.49
CA PHE A 112 1.18 0.73 -8.47
C PHE A 112 1.98 1.23 -9.66
N PHE A 113 1.34 1.51 -10.79
CA PHE A 113 2.06 1.86 -12.00
C PHE A 113 1.65 3.20 -12.59
N VAL A 114 0.73 3.92 -11.95
CA VAL A 114 0.39 5.28 -12.35
C VAL A 114 0.66 6.21 -11.18
N ALA A 115 -0.06 6.01 -10.07
CA ALA A 115 0.06 6.90 -8.93
C ALA A 115 1.43 6.78 -8.29
N MET A 116 1.86 5.55 -7.97
CA MET A 116 3.16 5.38 -7.32
C MET A 116 4.33 5.83 -8.18
N PRO A 117 4.47 5.43 -9.45
CA PRO A 117 5.60 5.93 -10.24
C PRO A 117 5.58 7.42 -10.44
N PHE A 118 4.40 8.04 -10.57
CA PHE A 118 4.35 9.49 -10.76
C PHE A 118 4.88 10.22 -9.53
N VAL A 119 4.47 9.79 -8.34
CA VAL A 119 4.93 10.41 -7.11
C VAL A 119 6.42 10.13 -6.90
N ILE A 120 6.84 8.90 -7.14
CA ILE A 120 8.25 8.56 -6.97
C ILE A 120 9.11 9.32 -7.97
N GLY A 121 8.60 9.58 -9.16
CA GLY A 121 9.34 10.32 -10.15
C GLY A 121 9.43 11.79 -9.82
N LEU A 122 8.35 12.37 -9.32
CA LEU A 122 8.42 13.75 -8.84
C LEU A 122 9.43 13.88 -7.72
N MET A 123 9.40 12.95 -6.76
CA MET A 123 10.39 12.98 -5.69
C MET A 123 11.80 12.82 -6.22
N ASN A 124 12.00 11.90 -7.17
CA ASN A 124 13.33 11.67 -7.74
C ASN A 124 13.84 12.91 -8.45
N LEU A 125 12.96 13.61 -9.16
CA LEU A 125 13.37 14.78 -9.93
C LEU A 125 13.60 16.00 -9.04
N VAL A 126 12.88 16.11 -7.92
CA VAL A 126 12.84 17.36 -7.17
C VAL A 126 13.67 17.30 -5.90
N VAL A 127 13.53 16.23 -5.11
CA VAL A 127 14.10 16.22 -3.76
C VAL A 127 15.61 16.44 -3.75
N PRO A 128 16.41 15.75 -4.57
CA PRO A 128 17.85 16.06 -4.57
C PRO A 128 18.15 17.51 -4.93
N LEU A 129 17.34 18.12 -5.78
CA LEU A 129 17.54 19.53 -6.10
C LEU A 129 17.18 20.43 -4.93
N GLN A 130 16.08 20.13 -4.23
CA GLN A 130 15.62 21.00 -3.16
C GLN A 130 16.60 21.03 -1.99
N ILE A 131 17.16 19.88 -1.64
CA ILE A 131 18.07 19.81 -0.51
C ILE A 131 19.48 20.20 -0.93
N GLY A 132 19.63 20.63 -2.17
CA GLY A 132 20.93 21.00 -2.68
C GLY A 132 21.91 19.85 -2.75
N ALA A 133 21.45 18.68 -3.16
CA ALA A 133 22.30 17.51 -3.26
C ALA A 133 22.62 17.23 -4.73
N ARG A 134 23.84 16.75 -4.98
CA ARG A 134 24.24 16.44 -6.34
C ARG A 134 23.44 15.28 -6.90
N ASP A 135 23.18 14.26 -6.09
CA ASP A 135 22.46 13.09 -6.54
C ASP A 135 21.90 12.37 -5.31
N VAL A 136 21.09 11.34 -5.56
CA VAL A 136 20.48 10.57 -4.49
C VAL A 136 21.57 9.83 -3.72
N ALA A 137 21.22 9.33 -2.54
CA ALA A 137 22.20 8.65 -1.70
C ALA A 137 22.74 7.40 -2.40
N PHE A 138 21.86 6.61 -2.99
CA PHE A 138 22.22 5.35 -3.66
C PHE A 138 21.73 5.43 -5.10
N PRO A 139 22.55 5.96 -6.01
CA PRO A 139 22.08 6.16 -7.39
C PRO A 139 21.82 4.87 -8.15
N PHE A 140 22.71 3.89 -8.03
CA PHE A 140 22.46 2.62 -8.71
C PHE A 140 21.24 1.93 -8.12
N LEU A 141 20.99 2.12 -6.84
CA LEU A 141 19.77 1.58 -6.25
C LEU A 141 18.53 2.32 -6.75
N ASN A 142 18.67 3.59 -7.12
CA ASN A 142 17.55 4.30 -7.70
C ASN A 142 17.27 3.82 -9.12
N ASN A 143 18.33 3.55 -9.89
CA ASN A 143 18.14 2.99 -11.22
C ASN A 143 17.52 1.59 -11.14
N LEU A 144 17.99 0.78 -10.20
CA LEU A 144 17.43 -0.55 -10.04
C LEU A 144 15.99 -0.51 -9.55
N SER A 145 15.65 0.45 -8.70
CA SER A 145 14.26 0.61 -8.28
C SER A 145 13.37 0.99 -9.46
N PHE A 146 13.85 1.91 -10.30
CA PHE A 146 13.06 2.27 -11.47
C PHE A 146 12.87 1.07 -12.38
N TRP A 147 13.91 0.28 -12.59
CA TRP A 147 13.78 -0.84 -13.50
C TRP A 147 13.01 -2.00 -12.90
N PHE A 148 12.94 -2.10 -11.57
CA PHE A 148 12.00 -3.05 -10.96
C PHE A 148 10.56 -2.60 -11.17
N THR A 149 10.30 -1.29 -11.06
CA THR A 149 8.98 -0.79 -11.41
C THR A 149 8.65 -1.09 -12.87
N VAL A 150 9.65 -0.99 -13.74
CA VAL A 150 9.43 -1.34 -15.14
C VAL A 150 9.18 -2.83 -15.30
N VAL A 151 9.81 -3.67 -14.48
CA VAL A 151 9.54 -5.09 -14.53
C VAL A 151 8.09 -5.37 -14.17
N GLY A 152 7.58 -4.68 -13.14
CA GLY A 152 6.18 -4.85 -12.80
C GLY A 152 5.24 -4.37 -13.89
N VAL A 153 5.58 -3.26 -14.53
CA VAL A 153 4.78 -2.76 -15.64
C VAL A 153 4.77 -3.77 -16.78
N ILE A 154 5.92 -4.36 -17.09
CA ILE A 154 6.01 -5.30 -18.20
C ILE A 154 5.22 -6.56 -17.88
N LEU A 155 5.31 -7.04 -16.63
CA LEU A 155 4.53 -8.22 -16.26
C LEU A 155 3.04 -7.96 -16.35
N VAL A 156 2.59 -6.78 -15.90
CA VAL A 156 1.16 -6.48 -15.97
C VAL A 156 0.69 -6.37 -17.41
N ASN A 157 1.48 -5.70 -18.27
CA ASN A 157 1.11 -5.59 -19.68
C ASN A 157 1.14 -6.94 -20.38
N VAL A 158 2.06 -7.81 -20.01
CA VAL A 158 2.11 -9.14 -20.61
C VAL A 158 0.91 -9.95 -20.17
N SER A 159 0.40 -9.72 -18.94
CA SER A 159 -0.83 -10.37 -18.52
C SER A 159 -1.98 -10.06 -19.47
N LEU A 160 -1.96 -8.90 -20.12
CA LEU A 160 -2.93 -8.60 -21.16
C LEU A 160 -2.69 -9.42 -22.41
N GLY A 161 -1.52 -10.03 -22.55
CA GLY A 161 -1.22 -10.85 -23.69
C GLY A 161 -1.35 -12.33 -23.38
N VAL A 162 -0.23 -12.99 -23.12
CA VAL A 162 -0.27 -14.42 -22.80
C VAL A 162 -0.83 -14.58 -21.39
N GLY A 163 -2.00 -15.18 -21.30
CA GLY A 163 -2.65 -15.39 -20.01
C GLY A 163 -3.66 -14.32 -19.69
N GLU A 164 -4.04 -14.29 -18.42
CA GLU A 164 -5.00 -13.33 -17.90
C GLU A 164 -4.44 -12.65 -16.67
N PHE A 165 -5.11 -11.59 -16.24
CA PHE A 165 -4.82 -10.94 -14.98
C PHE A 165 -5.90 -11.34 -13.97
N ALA A 166 -5.57 -11.18 -12.69
CA ALA A 166 -6.40 -11.75 -11.63
C ALA A 166 -7.83 -11.24 -11.72
N GLN A 167 -8.78 -12.18 -11.61
CA GLN A 167 -10.19 -11.82 -11.47
C GLN A 167 -10.57 -11.85 -10.01
N THR A 168 -9.94 -11.01 -9.19
CA THR A 168 -10.14 -11.07 -7.74
C THR A 168 -10.30 -9.71 -7.08
N GLY A 169 -10.12 -8.60 -7.79
CA GLY A 169 -9.98 -7.32 -7.16
C GLY A 169 -8.53 -6.90 -7.05
N TRP A 170 -8.32 -5.59 -6.96
CA TRP A 170 -6.95 -5.09 -7.03
C TRP A 170 -6.11 -5.47 -5.83
N LEU A 171 -6.71 -5.96 -4.75
CA LEU A 171 -5.96 -6.47 -3.61
C LEU A 171 -6.05 -7.97 -3.46
N ALA A 172 -6.81 -8.65 -4.32
CA ALA A 172 -6.88 -10.11 -4.36
C ALA A 172 -7.16 -10.71 -2.99
N TYR A 173 -8.41 -10.56 -2.55
CA TYR A 173 -8.80 -11.12 -1.26
C TYR A 173 -8.56 -12.63 -1.26
N PRO A 174 -8.16 -13.20 -0.13
CA PRO A 174 -7.47 -14.50 -0.14
C PRO A 174 -8.36 -15.67 -0.54
N PRO A 175 -9.62 -15.78 -0.10
CA PRO A 175 -10.37 -16.98 -0.48
C PRO A 175 -10.62 -17.06 -1.97
N LEU A 176 -10.96 -15.93 -2.60
CA LEU A 176 -11.16 -15.92 -4.05
C LEU A 176 -9.83 -15.99 -4.79
N SER A 177 -8.77 -15.45 -4.22
CA SER A 177 -7.46 -15.46 -4.87
C SER A 177 -6.64 -16.70 -4.52
N GLY A 178 -7.24 -17.65 -3.82
CA GLY A 178 -6.54 -18.90 -3.56
C GLY A 178 -6.44 -19.76 -4.80
N ILE A 179 -5.57 -20.77 -4.72
CA ILE A 179 -5.34 -21.62 -5.87
C ILE A 179 -6.58 -22.45 -6.20
N GLU A 180 -7.41 -22.73 -5.19
CA GLU A 180 -8.59 -23.56 -5.41
C GLU A 180 -9.70 -22.80 -6.11
N TYR A 181 -9.87 -21.52 -5.81
CA TYR A 181 -10.93 -20.72 -6.43
C TYR A 181 -10.44 -19.84 -7.57
N SER A 182 -9.14 -19.62 -7.69
CA SER A 182 -8.56 -18.90 -8.81
C SER A 182 -7.39 -19.72 -9.37
N PRO A 183 -7.70 -20.82 -10.06
CA PRO A 183 -6.61 -21.66 -10.61
C PRO A 183 -5.83 -20.98 -11.71
N GLY A 184 -6.37 -19.93 -12.32
CA GLY A 184 -5.70 -19.29 -13.44
C GLY A 184 -4.44 -18.55 -13.02
N VAL A 185 -3.69 -18.12 -14.04
CA VAL A 185 -2.42 -17.43 -13.81
C VAL A 185 -2.59 -15.96 -13.51
N GLY A 186 -3.83 -15.46 -13.42
CA GLY A 186 -4.02 -14.04 -13.18
C GLY A 186 -3.47 -13.58 -11.85
N VAL A 187 -3.77 -14.32 -10.78
CA VAL A 187 -3.26 -13.95 -9.48
C VAL A 187 -1.75 -14.13 -9.41
N ASP A 188 -1.17 -14.99 -10.24
CA ASP A 188 0.29 -15.10 -10.28
C ASP A 188 0.90 -13.86 -10.93
N TYR A 189 0.30 -13.36 -12.02
CA TYR A 189 0.72 -12.09 -12.60
C TYR A 189 0.64 -10.97 -11.57
N TRP A 190 -0.51 -10.89 -10.89
CA TRP A 190 -0.68 -9.89 -9.84
C TRP A 190 0.41 -10.01 -8.78
N ILE A 191 0.66 -11.24 -8.32
CA ILE A 191 1.59 -11.48 -7.24
C ILE A 191 3.00 -11.07 -7.64
N TRP A 192 3.44 -11.43 -8.83
CA TRP A 192 4.83 -11.20 -9.16
C TRP A 192 5.10 -9.79 -9.66
N SER A 193 4.16 -9.17 -10.37
CA SER A 193 4.33 -7.76 -10.67
C SER A 193 4.34 -6.95 -9.39
N LEU A 194 3.47 -7.30 -8.44
CA LEU A 194 3.45 -6.54 -7.19
C LEU A 194 4.68 -6.80 -6.34
N GLN A 195 5.20 -8.04 -6.33
CA GLN A 195 6.40 -8.30 -5.55
C GLN A 195 7.60 -7.53 -6.09
N LEU A 196 7.76 -7.52 -7.42
CA LEU A 196 8.93 -6.85 -7.96
C LEU A 196 8.80 -5.33 -7.86
N SER A 197 7.59 -4.80 -8.10
CA SER A 197 7.39 -3.38 -7.90
C SER A 197 7.56 -2.99 -6.43
N GLY A 198 7.16 -3.87 -5.51
CA GLY A 198 7.35 -3.60 -4.11
C GLY A 198 8.81 -3.57 -3.71
N ILE A 199 9.61 -4.50 -4.25
CA ILE A 199 11.05 -4.45 -4.03
C ILE A 199 11.62 -3.13 -4.51
N GLY A 200 11.23 -2.73 -5.73
CA GLY A 200 11.71 -1.46 -6.25
C GLY A 200 11.29 -0.27 -5.40
N THR A 201 10.04 -0.26 -4.95
CA THR A 201 9.54 0.83 -4.14
C THR A 201 10.24 0.90 -2.79
N THR A 202 10.47 -0.25 -2.17
CA THR A 202 11.19 -0.27 -0.90
C THR A 202 12.61 0.25 -1.08
N LEU A 203 13.27 -0.14 -2.18
CA LEU A 203 14.62 0.37 -2.41
C LEU A 203 14.61 1.88 -2.64
N THR A 204 13.62 2.40 -3.36
CA THR A 204 13.59 3.84 -3.58
C THR A 204 13.22 4.59 -2.31
N GLY A 205 12.42 3.96 -1.43
CA GLY A 205 12.16 4.57 -0.14
C GLY A 205 13.42 4.67 0.70
N ILE A 206 14.23 3.62 0.69
CA ILE A 206 15.52 3.68 1.38
C ILE A 206 16.38 4.78 0.78
N ASN A 207 16.43 4.84 -0.56
CA ASN A 207 17.26 5.84 -1.24
C ASN A 207 16.87 7.25 -0.84
N PHE A 208 15.57 7.55 -0.88
CA PHE A 208 15.15 8.92 -0.58
C PHE A 208 15.25 9.24 0.90
N PHE A 209 14.97 8.27 1.77
CA PHE A 209 15.14 8.50 3.20
C PHE A 209 16.58 8.88 3.52
N VAL A 210 17.52 8.11 2.98
CA VAL A 210 18.93 8.40 3.25
C VAL A 210 19.37 9.69 2.56
N THR A 211 18.86 9.97 1.36
CA THR A 211 19.21 11.20 0.68
C THR A 211 18.74 12.42 1.45
N ILE A 212 17.53 12.37 2.00
CA ILE A 212 17.01 13.51 2.75
C ILE A 212 17.71 13.64 4.09
N LEU A 213 17.99 12.53 4.76
CA LEU A 213 18.59 12.63 6.09
C LEU A 213 20.06 13.01 6.02
N LYS A 214 20.82 12.46 5.08
CA LYS A 214 22.27 12.58 5.10
C LYS A 214 22.80 13.59 4.10
N MET A 215 22.27 13.60 2.88
CA MET A 215 22.85 14.39 1.79
C MET A 215 22.23 15.77 1.65
N ARG A 216 21.69 16.34 2.73
CA ARG A 216 21.23 17.71 2.68
C ARG A 216 22.39 18.68 2.57
N ALA A 217 22.12 19.86 2.03
CA ALA A 217 23.15 20.87 1.87
C ALA A 217 23.62 21.36 3.24
N PRO A 218 24.90 21.68 3.38
CA PRO A 218 25.40 22.19 4.67
C PRO A 218 24.75 23.51 5.01
N GLY A 219 24.16 23.57 6.19
CA GLY A 219 23.45 24.75 6.67
C GLY A 219 21.95 24.64 6.58
N MET A 220 21.43 23.73 5.76
CA MET A 220 20.01 23.46 5.71
C MET A 220 19.67 22.49 6.83
N THR A 221 19.23 23.02 7.97
CA THR A 221 18.74 22.16 9.03
C THR A 221 17.41 21.54 8.62
N MET A 222 16.94 20.61 9.44
CA MET A 222 15.76 19.84 9.05
C MET A 222 14.49 20.69 9.04
N PHE A 223 14.46 21.81 9.76
CA PHE A 223 13.32 22.71 9.72
C PHE A 223 13.55 23.93 8.83
N LYS A 224 14.66 23.97 8.10
CA LYS A 224 14.84 24.88 6.99
C LYS A 224 14.66 24.18 5.66
N MET A 225 14.24 22.92 5.68
CA MET A 225 14.06 22.04 4.55
C MET A 225 12.76 22.40 3.80
N PRO A 226 12.75 22.30 2.48
CA PRO A 226 11.51 22.56 1.75
C PRO A 226 10.41 21.59 2.16
N VAL A 227 9.17 22.07 2.12
CA VAL A 227 8.06 21.28 2.63
C VAL A 227 7.82 20.06 1.76
N PHE A 228 8.05 20.16 0.46
CA PHE A 228 7.94 19.00 -0.39
C PHE A 228 8.95 17.93 0.01
N THR A 229 10.13 18.36 0.44
CA THR A 229 11.10 17.39 0.95
C THR A 229 10.65 16.76 2.26
N TRP A 230 9.97 17.54 3.11
CA TRP A 230 9.39 16.95 4.33
C TRP A 230 8.34 15.90 3.99
N ALA A 231 7.48 16.22 3.02
CA ALA A 231 6.45 15.27 2.60
C ALA A 231 7.09 14.02 2.01
N SER A 232 8.15 14.20 1.22
CA SER A 232 8.84 13.05 0.65
C SER A 232 9.48 12.20 1.74
N LEU A 233 10.09 12.84 2.74
CA LEU A 233 10.70 12.09 3.84
C LEU A 233 9.66 11.28 4.59
N CYS A 234 8.51 11.88 4.87
CA CYS A 234 7.44 11.15 5.55
C CYS A 234 6.91 10.01 4.68
N ALA A 235 6.74 10.26 3.38
CA ALA A 235 6.26 9.21 2.48
C ALA A 235 7.25 8.07 2.39
N ASN A 236 8.55 8.36 2.43
CA ASN A 236 9.55 7.30 2.38
C ASN A 236 9.61 6.54 3.70
N VAL A 237 9.39 7.23 4.82
CA VAL A 237 9.24 6.51 6.09
C VAL A 237 8.08 5.53 5.99
N LEU A 238 6.96 5.98 5.42
CA LEU A 238 5.82 5.08 5.23
C LEU A 238 6.16 3.93 4.30
N ILE A 239 6.90 4.21 3.23
CA ILE A 239 7.30 3.14 2.31
C ILE A 239 8.11 2.09 3.04
N ILE A 240 9.13 2.53 3.79
CA ILE A 240 10.05 1.60 4.44
C ILE A 240 9.32 0.80 5.51
N ALA A 241 8.35 1.41 6.18
CA ALA A 241 7.65 0.70 7.24
C ALA A 241 6.41 -0.04 6.77
N SER A 242 6.00 0.12 5.51
CA SER A 242 4.78 -0.52 5.02
C SER A 242 5.03 -1.55 3.92
N PHE A 243 5.82 -1.22 2.91
CA PHE A 243 5.99 -2.14 1.78
C PHE A 243 6.59 -3.48 2.17
N PRO A 244 7.34 -3.60 3.27
CA PRO A 244 7.59 -4.94 3.81
C PRO A 244 6.33 -5.71 4.13
N ILE A 245 5.28 -5.05 4.61
CA ILE A 245 4.02 -5.74 4.88
C ILE A 245 3.43 -6.30 3.59
N LEU A 246 3.44 -5.49 2.53
CA LEU A 246 2.95 -5.97 1.24
C LEU A 246 3.81 -7.12 0.73
N THR A 247 5.13 -7.01 0.87
CA THR A 247 6.01 -8.08 0.42
C THR A 247 5.70 -9.39 1.14
N VAL A 248 5.53 -9.32 2.46
CA VAL A 248 5.24 -10.54 3.22
C VAL A 248 3.87 -11.09 2.84
N THR A 249 2.87 -10.23 2.72
CA THR A 249 1.53 -10.70 2.42
C THR A 249 1.48 -11.37 1.05
N VAL A 250 2.10 -10.76 0.05
CA VAL A 250 2.11 -11.36 -1.28
C VAL A 250 2.97 -12.61 -1.30
N ALA A 251 4.03 -12.67 -0.48
CA ALA A 251 4.80 -13.90 -0.39
C ALA A 251 3.99 -15.02 0.23
N LEU A 252 3.17 -14.71 1.24
CA LEU A 252 2.30 -15.74 1.83
C LEU A 252 1.26 -16.21 0.82
N LEU A 253 0.70 -15.27 0.05
CA LEU A 253 -0.22 -15.68 -1.01
C LEU A 253 0.49 -16.53 -2.05
N THR A 254 1.75 -16.21 -2.34
CA THR A 254 2.55 -17.03 -3.25
C THR A 254 2.73 -18.43 -2.73
N LEU A 255 3.04 -18.57 -1.44
CA LEU A 255 3.19 -19.89 -0.85
C LEU A 255 1.88 -20.66 -0.88
N ASP A 256 0.76 -19.97 -0.64
CA ASP A 256 -0.55 -20.63 -0.70
C ASP A 256 -0.85 -21.12 -2.11
N ARG A 257 -0.48 -20.34 -3.12
CA ARG A 257 -0.83 -20.68 -4.50
C ARG A 257 0.17 -21.59 -5.18
N TYR A 258 1.38 -21.72 -4.65
CA TYR A 258 2.42 -22.53 -5.25
C TYR A 258 2.74 -23.78 -4.43
N LEU A 259 2.99 -23.63 -3.13
CA LEU A 259 3.35 -24.75 -2.27
C LEU A 259 2.13 -25.32 -1.54
N GLY A 260 0.94 -24.86 -1.87
CA GLY A 260 -0.26 -25.36 -1.24
C GLY A 260 -0.30 -25.18 0.26
N THR A 261 0.27 -24.09 0.77
CA THR A 261 0.23 -23.83 2.20
C THR A 261 -1.17 -23.36 2.60
N HIS A 262 -1.33 -23.06 3.89
CA HIS A 262 -2.63 -22.74 4.44
C HIS A 262 -2.57 -21.51 5.34
N PHE A 263 -1.93 -20.45 4.84
CA PHE A 263 -2.00 -19.18 5.55
C PHE A 263 -3.39 -18.59 5.47
N PHE A 264 -3.98 -18.60 4.27
CA PHE A 264 -5.24 -17.92 4.02
C PHE A 264 -6.32 -18.83 3.46
N THR A 265 -6.05 -20.12 3.34
CA THR A 265 -7.10 -21.04 2.95
C THR A 265 -8.13 -21.15 4.07
N ASN A 266 -9.35 -21.54 3.70
CA ASN A 266 -10.44 -21.59 4.67
C ASN A 266 -10.59 -22.95 5.34
N ASP A 267 -9.83 -23.97 4.92
CA ASP A 267 -10.07 -25.33 5.38
C ASP A 267 -9.09 -25.79 6.46
N MET A 268 -7.80 -25.80 6.18
CA MET A 268 -6.83 -26.46 7.04
C MET A 268 -6.20 -25.47 8.00
N GLY A 269 -7.04 -24.90 8.86
CA GLY A 269 -6.59 -24.00 9.88
C GLY A 269 -6.19 -22.62 9.43
N GLY A 270 -6.22 -22.36 8.13
CA GLY A 270 -5.88 -21.05 7.64
C GLY A 270 -6.94 -20.02 8.02
N ASN A 271 -6.48 -18.80 8.27
CA ASN A 271 -7.37 -17.71 8.63
C ASN A 271 -7.33 -16.71 7.50
N MET A 272 -8.37 -16.74 6.66
CA MET A 272 -8.39 -15.87 5.48
C MET A 272 -8.61 -14.41 5.84
N MET A 273 -8.92 -14.10 7.10
CA MET A 273 -9.08 -12.71 7.49
C MET A 273 -7.75 -12.04 7.77
N MET A 274 -6.71 -12.83 8.05
CA MET A 274 -5.40 -12.27 8.35
C MET A 274 -4.78 -11.63 7.13
N TYR A 275 -5.12 -12.10 5.93
CA TYR A 275 -4.68 -11.40 4.72
C TYR A 275 -5.34 -10.04 4.64
N ILE A 276 -6.63 -9.94 4.97
CA ILE A 276 -7.30 -8.65 4.90
C ILE A 276 -6.72 -7.72 5.95
N ASN A 277 -6.37 -8.25 7.12
CA ASN A 277 -5.68 -7.45 8.11
C ASN A 277 -4.33 -6.98 7.59
N LEU A 278 -3.56 -7.89 6.98
CA LEU A 278 -2.22 -7.54 6.53
C LEU A 278 -2.26 -6.66 5.29
N ILE A 279 -3.09 -7.01 4.31
CA ILE A 279 -3.05 -6.28 3.05
C ILE A 279 -3.50 -4.85 3.25
N TRP A 280 -4.34 -4.60 4.26
CA TRP A 280 -4.69 -3.24 4.61
C TRP A 280 -3.74 -2.64 5.64
N ALA A 281 -3.00 -3.47 6.37
CA ALA A 281 -1.93 -2.93 7.21
C ALA A 281 -0.94 -2.15 6.36
N TRP A 282 -0.70 -2.62 5.14
CA TRP A 282 0.02 -1.85 4.14
C TRP A 282 -0.92 -0.99 3.30
N GLY A 283 -2.20 -1.34 3.24
CA GLY A 283 -3.11 -0.66 2.33
C GLY A 283 -3.25 0.81 2.61
N HIS A 284 -3.46 1.18 3.87
CA HIS A 284 -3.65 2.59 4.15
C HIS A 284 -2.34 3.37 4.17
N PRO A 285 -1.24 2.84 4.73
CA PRO A 285 0.03 3.57 4.59
C PRO A 285 0.40 3.86 3.16
N GLU A 286 0.16 2.92 2.25
CA GLU A 286 0.43 3.16 0.84
C GLU A 286 -0.61 4.09 0.22
N VAL A 287 -1.70 4.34 0.95
CA VAL A 287 -2.63 5.37 0.54
C VAL A 287 -2.11 6.74 0.97
N TYR A 288 -1.34 6.79 2.06
CA TYR A 288 -0.68 8.03 2.46
C TYR A 288 0.71 8.16 1.87
N ILE A 289 1.27 7.07 1.32
CA ILE A 289 2.47 7.18 0.52
C ILE A 289 2.18 7.99 -0.74
N LEU A 290 0.94 7.93 -1.23
CA LEU A 290 0.54 8.64 -2.44
C LEU A 290 0.13 10.07 -2.19
N ILE A 291 -0.53 10.35 -1.06
CA ILE A 291 -1.10 11.67 -0.83
C ILE A 291 -0.15 12.62 -0.12
N LEU A 292 0.86 12.10 0.58
CA LEU A 292 1.78 12.99 1.28
C LEU A 292 2.66 13.77 0.32
N PRO A 293 3.36 13.15 -0.65
CA PRO A 293 4.19 13.96 -1.55
C PRO A 293 3.41 15.02 -2.32
N VAL A 294 2.20 14.71 -2.78
CA VAL A 294 1.44 15.71 -3.53
C VAL A 294 1.07 16.87 -2.64
N PHE A 295 0.80 16.62 -1.36
CA PHE A 295 0.69 17.70 -0.39
C PHE A 295 1.89 18.62 -0.48
N GLY A 296 3.10 18.04 -0.44
CA GLY A 296 4.29 18.84 -0.64
C GLY A 296 4.29 19.55 -1.98
N VAL A 297 3.81 18.87 -3.02
CA VAL A 297 3.69 19.49 -4.33
C VAL A 297 2.80 20.72 -4.28
N PHE A 298 1.82 20.73 -3.40
CA PHE A 298 0.99 21.92 -3.25
C PHE A 298 1.55 22.87 -2.20
N SER A 299 2.39 22.37 -1.30
CA SER A 299 3.08 23.25 -0.36
C SER A 299 4.07 24.15 -1.09
N GLU A 300 4.59 23.72 -2.23
CA GLU A 300 5.46 24.54 -3.05
C GLU A 300 4.66 25.40 -4.01
N ILE A 301 3.80 24.77 -4.81
CA ILE A 301 3.08 25.47 -5.87
C ILE A 301 2.24 26.61 -5.31
N ALA A 302 1.72 26.45 -4.09
CA ALA A 302 1.04 27.59 -3.48
C ALA A 302 2.04 28.68 -3.14
N ALA A 303 3.06 28.35 -2.34
CA ALA A 303 4.03 29.36 -1.93
C ALA A 303 4.76 29.95 -3.13
N THR A 304 4.86 29.18 -4.22
CA THR A 304 5.47 29.68 -5.44
C THR A 304 4.52 30.56 -6.23
N PHE A 305 3.23 30.22 -6.28
CA PHE A 305 2.29 30.94 -7.11
C PHE A 305 1.37 31.86 -6.30
N SER A 306 1.71 32.10 -5.05
CA SER A 306 1.06 33.16 -4.28
C SER A 306 2.01 34.28 -3.94
N ARG A 307 3.28 34.18 -4.37
CA ARG A 307 4.32 35.14 -4.04
C ARG A 307 4.33 35.44 -2.55
N LYS A 308 4.22 34.37 -1.76
CA LYS A 308 4.06 34.49 -0.33
C LYS A 308 4.68 33.29 0.35
N ARG A 309 5.38 33.53 1.45
CA ARG A 309 5.96 32.45 2.24
C ARG A 309 4.86 31.51 2.71
N LEU A 310 5.15 30.21 2.67
CA LEU A 310 4.15 29.22 3.08
C LEU A 310 3.80 29.43 4.54
N PHE A 311 2.49 29.45 4.83
CA PHE A 311 2.01 29.91 6.12
C PHE A 311 2.47 29.05 7.29
N GLY A 312 1.95 27.83 7.38
CA GLY A 312 2.20 27.02 8.56
C GLY A 312 3.33 26.02 8.39
N TYR A 313 4.56 26.49 8.19
CA TYR A 313 5.65 25.56 7.93
C TYR A 313 5.81 24.56 9.06
N THR A 314 5.93 25.06 10.29
CA THR A 314 6.02 24.15 11.42
C THR A 314 4.74 23.34 11.57
N SER A 315 3.60 23.99 11.38
CA SER A 315 2.33 23.29 11.48
C SER A 315 2.21 22.23 10.39
N LEU A 316 2.58 22.56 9.15
CA LEU A 316 2.52 21.58 8.07
C LEU A 316 3.47 20.42 8.33
N VAL A 317 4.69 20.71 8.79
CA VAL A 317 5.66 19.65 9.03
C VAL A 317 5.17 18.71 10.12
N TRP A 318 4.66 19.28 11.22
CA TRP A 318 4.19 18.42 12.29
C TRP A 318 2.90 17.70 11.93
N ALA A 319 2.04 18.30 11.11
CA ALA A 319 0.87 17.60 10.61
C ALA A 319 1.29 16.41 9.75
N THR A 320 2.30 16.60 8.90
CA THR A 320 2.79 15.49 8.08
C THR A 320 3.39 14.39 8.93
N VAL A 321 4.15 14.75 9.96
CA VAL A 321 4.73 13.74 10.86
C VAL A 321 3.63 13.01 11.60
N CYS A 322 2.60 13.73 12.04
CA CYS A 322 1.46 13.10 12.72
C CYS A 322 0.74 12.15 11.77
N ILE A 323 0.56 12.54 10.51
CA ILE A 323 -0.07 11.66 9.53
C ILE A 323 0.77 10.40 9.35
N THR A 324 2.09 10.56 9.28
CA THR A 324 2.97 9.40 9.15
C THR A 324 2.82 8.45 10.34
N VAL A 325 2.78 9.00 11.55
CA VAL A 325 2.66 8.15 12.73
C VAL A 325 1.28 7.48 12.77
N LEU A 326 0.22 8.22 12.44
CA LEU A 326 -1.14 7.73 12.61
C LEU A 326 -1.59 6.85 11.46
N SER A 327 -0.88 6.85 10.32
CA SER A 327 -1.31 6.02 9.20
C SER A 327 -1.18 4.55 9.49
N PHE A 328 -0.44 4.17 10.52
CA PHE A 328 -0.24 2.76 10.86
C PHE A 328 -1.19 2.27 11.94
N ILE A 329 -2.09 3.16 12.34
CA ILE A 329 -3.03 2.81 13.43
C ILE A 329 -4.44 2.96 12.88
N VAL A 330 -4.58 3.00 11.57
CA VAL A 330 -5.94 3.24 11.02
C VAL A 330 -6.41 2.06 10.18
N TRP A 331 -5.56 1.13 9.76
CA TRP A 331 -5.95 0.09 8.78
C TRP A 331 -7.32 -0.55 8.94
N LEU A 332 -7.76 -0.91 10.11
CA LEU A 332 -9.00 -1.66 10.28
C LEU A 332 -10.21 -0.91 9.74
N HIS A 333 -10.08 0.40 9.50
CA HIS A 333 -11.19 1.11 8.89
C HIS A 333 -11.45 0.67 7.47
N HIS A 334 -10.68 -0.29 6.93
CA HIS A 334 -10.93 -0.81 5.60
C HIS A 334 -11.66 -2.14 5.61
N PHE A 335 -11.85 -2.76 6.77
CA PHE A 335 -12.66 -3.97 6.87
C PHE A 335 -13.55 -3.91 8.11
N PHE A 336 -14.22 -2.78 8.31
CA PHE A 336 -15.13 -2.65 9.45
C PHE A 336 -16.19 -3.74 9.44
N THR A 337 -16.74 -4.06 8.28
CA THR A 337 -17.82 -5.03 8.19
C THR A 337 -17.34 -6.47 8.24
N MET A 338 -16.04 -6.70 8.48
CA MET A 338 -15.56 -8.07 8.59
C MET A 338 -16.11 -8.77 9.82
N GLY A 339 -16.52 -8.02 10.83
CA GLY A 339 -17.19 -8.57 11.97
C GLY A 339 -16.50 -8.41 13.31
N ALA A 340 -15.48 -7.57 13.40
CA ALA A 340 -14.82 -7.37 14.69
C ALA A 340 -15.79 -6.73 15.68
N GLY A 341 -15.40 -6.76 16.94
CA GLY A 341 -16.26 -6.24 17.99
C GLY A 341 -16.45 -4.75 17.87
N ALA A 342 -17.32 -4.23 18.72
CA ALA A 342 -17.58 -2.80 18.69
C ALA A 342 -16.40 -2.00 19.20
N ASN A 343 -15.59 -2.59 20.08
CA ASN A 343 -14.46 -1.85 20.63
C ASN A 343 -13.38 -1.63 19.58
N VAL A 344 -13.07 -2.66 18.79
CA VAL A 344 -12.02 -2.52 17.78
C VAL A 344 -12.46 -1.60 16.66
N ASN A 345 -13.69 -1.80 16.16
CA ASN A 345 -14.20 -0.94 15.11
C ASN A 345 -14.29 0.50 15.58
N ALA A 346 -14.78 0.72 16.80
CA ALA A 346 -14.89 2.08 17.32
C ALA A 346 -13.51 2.71 17.49
N PHE A 347 -12.54 1.94 18.01
CA PHE A 347 -11.21 2.47 18.22
C PHE A 347 -10.57 2.87 16.90
N PHE A 348 -10.67 2.02 15.88
CA PHE A 348 -10.01 2.33 14.62
C PHE A 348 -10.76 3.41 13.85
N GLY A 349 -12.08 3.51 14.02
CA GLY A 349 -12.79 4.64 13.46
C GLY A 349 -12.39 5.94 14.13
N ILE A 350 -12.18 5.90 15.45
CA ILE A 350 -11.72 7.09 16.17
C ILE A 350 -10.34 7.50 15.68
N THR A 351 -9.46 6.53 15.47
CA THR A 351 -8.12 6.88 14.98
C THR A 351 -8.17 7.38 13.53
N THR A 352 -9.07 6.83 12.71
CA THR A 352 -9.22 7.29 11.34
C THR A 352 -9.78 8.71 11.28
N MET A 353 -10.61 9.08 12.26
CA MET A 353 -11.06 10.46 12.34
C MET A 353 -10.01 11.36 12.97
N ILE A 354 -9.15 10.82 13.83
CA ILE A 354 -8.06 11.59 14.40
C ILE A 354 -7.03 11.93 13.33
N ILE A 355 -6.81 11.02 12.39
CA ILE A 355 -5.81 11.23 11.35
C ILE A 355 -6.34 12.21 10.31
N ALA A 356 -7.55 12.74 10.56
CA ALA A 356 -8.13 13.71 9.65
C ALA A 356 -7.87 15.15 10.07
N ILE A 357 -7.57 15.40 11.34
CA ILE A 357 -7.23 16.76 11.77
C ILE A 357 -5.94 17.27 11.14
N PRO A 358 -4.85 16.48 11.00
CA PRO A 358 -3.66 17.06 10.37
C PRO A 358 -3.89 17.43 8.92
N THR A 359 -4.66 16.62 8.18
CA THR A 359 -4.95 16.95 6.80
C THR A 359 -5.75 18.23 6.67
N GLY A 360 -6.71 18.44 7.58
CA GLY A 360 -7.44 19.70 7.58
C GLY A 360 -6.56 20.87 7.93
N VAL A 361 -5.65 20.68 8.88
CA VAL A 361 -4.70 21.74 9.19
C VAL A 361 -3.85 22.07 7.98
N LYS A 362 -3.47 21.06 7.19
CA LYS A 362 -2.70 21.33 5.99
C LYS A 362 -3.54 22.07 4.94
N ILE A 363 -4.81 21.70 4.80
CA ILE A 363 -5.66 22.37 3.82
C ILE A 363 -5.83 23.83 4.18
N PHE A 364 -6.08 24.12 5.45
CA PHE A 364 -6.23 25.51 5.87
C PHE A 364 -4.90 26.25 5.85
N ASN A 365 -3.78 25.56 6.07
CA ASN A 365 -2.49 26.21 5.91
C ASN A 365 -2.25 26.64 4.47
N TRP A 366 -2.64 25.80 3.50
CA TRP A 366 -2.51 26.21 2.11
C TRP A 366 -3.45 27.37 1.79
N LEU A 367 -4.71 27.30 2.23
CA LEU A 367 -5.63 28.37 1.86
C LEU A 367 -5.40 29.64 2.67
N PHE A 368 -4.59 29.59 3.73
CA PHE A 368 -4.11 30.79 4.38
C PHE A 368 -2.76 31.23 3.86
N THR A 369 -2.04 30.36 3.16
CA THR A 369 -0.91 30.81 2.37
C THR A 369 -1.37 31.61 1.18
N MET A 370 -2.53 31.25 0.62
CA MET A 370 -3.15 32.10 -0.39
C MET A 370 -3.66 33.41 0.19
N TYR A 371 -3.88 33.47 1.49
CA TYR A 371 -4.41 34.68 2.13
C TYR A 371 -3.39 35.81 2.01
N GLN A 372 -3.82 36.93 1.43
CA GLN A 372 -2.98 38.11 1.27
C GLN A 372 -1.72 37.80 0.47
N GLY A 373 -1.92 37.18 -0.71
CA GLY A 373 -0.83 36.90 -1.61
C GLY A 373 -1.18 37.30 -3.03
N ARG A 374 -0.17 37.24 -3.89
CA ARG A 374 -0.31 37.56 -5.31
C ARG A 374 -0.50 36.23 -6.04
N ILE A 375 -1.75 35.78 -6.14
CA ILE A 375 -2.06 34.47 -6.71
C ILE A 375 -2.06 34.62 -8.23
N VAL A 376 -1.05 34.06 -8.88
CA VAL A 376 -0.97 34.00 -10.34
C VAL A 376 -1.55 32.66 -10.79
N PHE A 377 -2.64 32.71 -11.54
CA PHE A 377 -3.40 31.51 -11.88
C PHE A 377 -2.74 30.78 -13.05
N HIS A 378 -1.52 30.30 -12.79
CA HIS A 378 -0.87 29.37 -13.69
C HIS A 378 -1.57 28.01 -13.59
N SER A 379 -1.29 27.14 -14.57
CA SER A 379 -1.94 25.84 -14.61
C SER A 379 -1.76 25.08 -13.30
N ALA A 380 -0.55 25.11 -12.74
CA ALA A 380 -0.31 24.44 -11.47
C ALA A 380 -1.12 25.05 -10.35
N MET A 381 -1.30 26.38 -10.37
CA MET A 381 -2.11 27.01 -9.33
C MET A 381 -3.58 26.63 -9.48
N LEU A 382 -4.06 26.50 -10.72
CA LEU A 382 -5.42 26.00 -10.92
C LEU A 382 -5.55 24.57 -10.40
N TRP A 383 -4.54 23.74 -10.63
CA TRP A 383 -4.57 22.39 -10.09
C TRP A 383 -4.59 22.41 -8.57
N THR A 384 -3.92 23.40 -7.96
CA THR A 384 -3.92 23.50 -6.50
C THR A 384 -5.29 23.91 -5.97
N ILE A 385 -5.93 24.90 -6.60
CA ILE A 385 -7.26 25.29 -6.16
C ILE A 385 -8.23 24.13 -6.34
N GLY A 386 -8.15 23.45 -7.48
CA GLY A 386 -9.00 22.30 -7.70
C GLY A 386 -8.76 21.21 -6.68
N PHE A 387 -7.49 20.98 -6.32
CA PHE A 387 -7.17 19.99 -5.31
C PHE A 387 -7.78 20.36 -3.98
N ILE A 388 -7.68 21.62 -3.57
CA ILE A 388 -8.28 22.00 -2.29
C ILE A 388 -9.78 21.72 -2.34
N VAL A 389 -10.44 22.14 -3.42
CA VAL A 389 -11.90 22.05 -3.49
C VAL A 389 -12.35 20.60 -3.48
N THR A 390 -11.80 19.76 -4.35
CA THR A 390 -12.28 18.38 -4.44
C THR A 390 -11.75 17.52 -3.31
N PHE A 391 -10.51 17.74 -2.87
CA PHE A 391 -9.96 16.96 -1.79
C PHE A 391 -10.70 17.22 -0.49
N SER A 392 -11.20 18.43 -0.27
CA SER A 392 -12.04 18.66 0.89
C SER A 392 -13.28 17.77 0.85
N VAL A 393 -13.93 17.68 -0.31
CA VAL A 393 -15.10 16.82 -0.44
C VAL A 393 -14.73 15.36 -0.24
N GLY A 394 -13.63 14.93 -0.84
CA GLY A 394 -13.24 13.54 -0.75
C GLY A 394 -12.89 13.13 0.67
N GLY A 395 -12.18 13.99 1.39
CA GLY A 395 -11.90 13.72 2.79
C GLY A 395 -13.15 13.76 3.65
N MET A 396 -14.07 14.67 3.36
CA MET A 396 -15.33 14.69 4.08
C MET A 396 -16.06 13.36 3.92
N THR A 397 -16.12 12.86 2.69
CA THR A 397 -16.80 11.58 2.45
C THR A 397 -16.04 10.42 3.09
N GLY A 398 -14.71 10.49 3.10
CA GLY A 398 -13.94 9.44 3.76
C GLY A 398 -14.16 9.40 5.26
N VAL A 399 -14.19 10.57 5.89
CA VAL A 399 -14.51 10.63 7.32
C VAL A 399 -15.92 10.16 7.57
N LEU A 400 -16.84 10.49 6.66
CA LEU A 400 -18.19 9.93 6.74
C LEU A 400 -18.14 8.41 6.72
N LEU A 401 -17.24 7.84 5.92
CA LEU A 401 -17.01 6.40 5.92
C LEU A 401 -16.22 5.92 7.13
N ALA A 402 -15.46 6.81 7.78
CA ALA A 402 -14.61 6.40 8.88
C ALA A 402 -15.43 5.92 10.08
N VAL A 403 -16.66 6.40 10.22
CA VAL A 403 -17.53 5.96 11.31
C VAL A 403 -18.00 4.55 10.99
N PRO A 404 -17.75 3.56 11.86
CA PRO A 404 -18.16 2.19 11.55
C PRO A 404 -19.65 2.03 11.30
N GLY A 405 -20.49 2.80 11.98
CA GLY A 405 -21.92 2.70 11.73
C GLY A 405 -22.28 3.05 10.30
N ALA A 406 -21.69 4.12 9.77
CA ALA A 406 -21.93 4.47 8.37
C ALA A 406 -21.24 3.48 7.43
N ASP A 407 -20.06 2.99 7.81
CA ASP A 407 -19.35 2.07 6.95
C ASP A 407 -20.02 0.71 6.87
N PHE A 408 -20.85 0.35 7.86
CA PHE A 408 -21.59 -0.91 7.78
C PHE A 408 -22.53 -0.89 6.59
N VAL A 409 -23.14 0.26 6.31
CA VAL A 409 -24.07 0.41 5.21
C VAL A 409 -23.42 1.01 3.98
N LEU A 410 -22.14 1.39 4.06
CA LEU A 410 -21.45 2.01 2.94
C LEU A 410 -20.09 1.38 2.66
N HIS A 411 -19.87 0.12 3.06
CA HIS A 411 -18.52 -0.43 3.04
C HIS A 411 -18.00 -0.59 1.61
N ASN A 412 -18.76 -1.26 0.75
CA ASN A 412 -18.29 -1.53 -0.60
C ASN A 412 -19.27 -1.01 -1.62
N SER A 413 -20.00 0.04 -1.27
CA SER A 413 -20.90 0.67 -2.21
C SER A 413 -20.08 1.51 -3.18
N LEU A 414 -20.77 2.13 -4.13
CA LEU A 414 -20.08 3.07 -5.01
C LEU A 414 -19.75 4.37 -4.30
N PHE A 415 -20.23 4.55 -3.07
CA PHE A 415 -19.80 5.67 -2.25
C PHE A 415 -18.35 5.53 -1.84
N LEU A 416 -17.88 4.32 -1.57
CA LEU A 416 -16.47 4.11 -1.29
C LEU A 416 -15.63 4.34 -2.54
N ILE A 417 -16.11 3.85 -3.68
CA ILE A 417 -15.43 4.09 -4.94
C ILE A 417 -15.30 5.59 -5.19
N ALA A 418 -16.39 6.32 -4.94
CA ALA A 418 -16.38 7.76 -5.12
C ALA A 418 -15.43 8.44 -4.13
N HIS A 419 -15.42 7.98 -2.87
CA HIS A 419 -14.47 8.50 -1.88
C HIS A 419 -13.04 8.40 -2.39
N PHE A 420 -12.60 7.18 -2.68
CA PHE A 420 -11.18 7.04 -2.94
C PHE A 420 -10.81 7.55 -4.33
N HIS A 421 -11.74 7.58 -5.28
CA HIS A 421 -11.43 8.26 -6.52
C HIS A 421 -11.47 9.77 -6.37
N ASN A 422 -12.23 10.30 -5.42
CA ASN A 422 -12.20 11.72 -5.15
C ASN A 422 -10.86 12.12 -4.55
N VAL A 423 -10.36 11.29 -3.63
CA VAL A 423 -9.13 11.62 -2.93
C VAL A 423 -7.89 11.24 -3.74
N ILE A 424 -8.02 10.42 -4.77
CA ILE A 424 -6.91 10.14 -5.67
C ILE A 424 -6.91 11.08 -6.87
N ILE A 425 -8.01 11.12 -7.62
CA ILE A 425 -8.11 12.00 -8.78
C ILE A 425 -7.94 13.44 -8.35
N GLY A 426 -8.65 13.86 -7.31
CA GLY A 426 -8.46 15.20 -6.80
C GLY A 426 -7.27 15.37 -5.90
N GLY A 427 -6.58 14.28 -5.62
CA GLY A 427 -5.40 14.28 -4.79
C GLY A 427 -4.17 13.97 -5.62
N VAL A 428 -3.79 12.70 -5.65
CA VAL A 428 -2.56 12.27 -6.29
C VAL A 428 -2.54 12.66 -7.76
N VAL A 429 -3.66 12.50 -8.47
CA VAL A 429 -3.66 12.82 -9.89
C VAL A 429 -3.55 14.33 -10.10
N PHE A 430 -4.32 15.12 -9.35
CA PHE A 430 -4.22 16.56 -9.47
C PHE A 430 -2.85 17.05 -9.06
N GLY A 431 -2.28 16.45 -8.01
CA GLY A 431 -0.96 16.87 -7.59
C GLY A 431 0.16 16.43 -8.47
N CYS A 432 0.00 15.32 -9.18
CA CYS A 432 1.00 14.88 -10.13
C CYS A 432 0.95 15.69 -11.40
N PHE A 433 -0.24 16.08 -11.85
CA PHE A 433 -0.30 17.00 -12.99
C PHE A 433 0.20 18.39 -12.61
N ALA A 434 -0.10 18.83 -11.39
CA ALA A 434 0.42 20.11 -10.92
C ALA A 434 1.94 20.10 -10.84
N GLY A 435 2.51 19.03 -10.28
CA GLY A 435 3.96 18.91 -10.22
C GLY A 435 4.60 18.79 -11.59
N MET A 436 3.94 18.07 -12.51
CA MET A 436 4.46 17.95 -13.86
C MET A 436 4.52 19.32 -14.54
N THR A 437 3.46 20.11 -14.43
CA THR A 437 3.47 21.43 -15.04
C THR A 437 4.43 22.37 -14.31
N TYR A 438 4.56 22.21 -12.99
CA TYR A 438 5.40 23.10 -12.20
C TYR A 438 6.88 22.85 -12.45
N TRP A 439 7.28 21.59 -12.56
CA TRP A 439 8.68 21.24 -12.71
C TRP A 439 9.04 20.81 -14.13
N TRP A 440 8.14 21.01 -15.09
CA TRP A 440 8.49 20.73 -16.48
C TRP A 440 9.65 21.61 -16.94
N PRO A 441 9.68 22.90 -16.61
CA PRO A 441 10.86 23.69 -16.97
C PRO A 441 12.13 23.24 -16.26
N LYS A 442 12.01 22.65 -15.08
CA LYS A 442 13.17 22.20 -14.34
C LYS A 442 13.62 20.80 -14.74
N ALA A 443 12.99 20.22 -15.74
CA ALA A 443 13.42 18.93 -16.24
C ALA A 443 13.75 18.94 -17.72
N PHE A 444 13.01 19.70 -18.53
CA PHE A 444 13.21 19.72 -19.97
C PHE A 444 13.69 21.06 -20.51
N GLY A 445 13.51 22.14 -19.76
CA GLY A 445 13.88 23.47 -20.21
C GLY A 445 12.72 24.22 -20.83
N PHE A 446 11.87 23.51 -21.57
CA PHE A 446 10.67 24.13 -22.11
C PHE A 446 9.66 24.37 -20.99
N LYS A 447 8.65 25.16 -21.30
CA LYS A 447 7.53 25.40 -20.39
C LYS A 447 6.26 24.89 -21.05
N LEU A 448 5.49 24.10 -20.32
CA LEU A 448 4.28 23.51 -20.88
C LEU A 448 3.30 24.60 -21.31
N ASN A 449 2.60 24.35 -22.41
CA ASN A 449 1.63 25.30 -22.93
C ASN A 449 0.54 25.54 -21.90
N GLU A 450 0.44 26.78 -21.42
CA GLU A 450 -0.49 27.07 -20.33
C GLU A 450 -1.93 26.99 -20.79
N THR A 451 -2.21 27.29 -22.06
CA THR A 451 -3.58 27.22 -22.56
C THR A 451 -4.10 25.80 -22.51
N TRP A 452 -3.35 24.86 -23.08
CA TRP A 452 -3.79 23.47 -23.05
C TRP A 452 -3.74 22.90 -21.64
N GLY A 453 -2.84 23.41 -20.79
CA GLY A 453 -2.85 22.99 -19.40
C GLY A 453 -4.11 23.40 -18.68
N LYS A 454 -4.57 24.63 -18.89
CA LYS A 454 -5.83 25.06 -18.29
C LYS A 454 -7.00 24.28 -18.85
N ARG A 455 -6.99 24.02 -20.17
CA ARG A 455 -8.05 23.21 -20.75
C ARG A 455 -8.09 21.82 -20.13
N ALA A 456 -6.92 21.20 -19.97
CA ALA A 456 -6.86 19.88 -19.36
C ALA A 456 -7.34 19.91 -17.92
N PHE A 457 -6.96 20.94 -17.17
CA PHE A 457 -7.41 21.04 -15.78
C PHE A 457 -8.92 21.15 -15.70
N TRP A 458 -9.51 22.03 -16.52
CA TRP A 458 -10.96 22.20 -16.47
C TRP A 458 -11.67 20.93 -16.87
N PHE A 459 -11.22 20.27 -17.95
CA PHE A 459 -11.83 19.02 -18.35
C PHE A 459 -11.72 17.97 -17.25
N TRP A 460 -10.54 17.87 -16.64
CA TRP A 460 -10.33 16.87 -15.59
C TRP A 460 -11.26 17.10 -14.41
N ILE A 461 -11.30 18.33 -13.89
CA ILE A 461 -12.09 18.57 -12.70
C ILE A 461 -13.58 18.43 -12.99
N ILE A 462 -14.05 18.98 -14.12
CA ILE A 462 -15.46 18.87 -14.44
C ILE A 462 -15.86 17.42 -14.69
N GLY A 463 -15.02 16.66 -15.39
CA GLY A 463 -15.34 15.29 -15.70
C GLY A 463 -15.32 14.43 -14.47
N PHE A 464 -14.37 14.65 -13.58
CA PHE A 464 -14.36 13.92 -12.32
C PHE A 464 -15.61 14.22 -11.51
N PHE A 465 -15.99 15.50 -11.41
CA PHE A 465 -17.15 15.84 -10.61
C PHE A 465 -18.43 15.25 -11.19
N VAL A 466 -18.51 15.19 -12.52
CA VAL A 466 -19.70 14.67 -13.18
C VAL A 466 -19.56 13.17 -13.45
N ALA A 467 -18.53 12.55 -12.87
CA ALA A 467 -18.36 11.10 -12.98
C ALA A 467 -18.36 10.35 -11.66
N PHE A 468 -18.26 11.03 -10.52
CA PHE A 468 -18.14 10.30 -9.26
C PHE A 468 -19.17 10.75 -8.25
N MET A 469 -19.66 11.98 -8.36
CA MET A 469 -20.86 12.35 -7.62
C MET A 469 -22.03 11.42 -7.96
N PRO A 470 -22.27 11.05 -9.23
CA PRO A 470 -23.20 9.95 -9.51
C PRO A 470 -22.83 8.68 -8.76
N LEU A 471 -21.55 8.40 -8.58
CA LEU A 471 -21.16 7.22 -7.80
C LEU A 471 -21.43 7.39 -6.32
N TYR A 472 -21.38 8.62 -5.80
CA TYR A 472 -21.86 8.85 -4.44
C TYR A 472 -23.34 8.55 -4.32
N ALA A 473 -24.13 9.01 -5.31
CA ALA A 473 -25.55 8.72 -5.29
C ALA A 473 -25.80 7.22 -5.37
N LEU A 474 -25.07 6.52 -6.25
CA LEU A 474 -25.24 5.08 -6.38
C LEU A 474 -24.86 4.36 -5.09
N GLY A 475 -23.80 4.83 -4.43
CA GLY A 475 -23.49 4.28 -3.12
C GLY A 475 -24.61 4.48 -2.13
N PHE A 476 -25.31 5.62 -2.23
CA PHE A 476 -26.49 5.80 -1.40
C PHE A 476 -27.69 4.99 -1.89
N MET A 477 -27.67 4.54 -3.14
CA MET A 477 -28.73 3.69 -3.66
C MET A 477 -28.49 2.21 -3.41
N GLY A 478 -27.31 1.85 -2.94
CA GLY A 478 -27.00 0.47 -2.63
C GLY A 478 -26.23 -0.29 -3.69
N MET A 479 -25.68 0.39 -4.70
CA MET A 479 -24.91 -0.29 -5.73
C MET A 479 -23.50 -0.56 -5.21
N THR A 480 -23.06 -1.80 -5.35
CA THR A 480 -21.80 -2.26 -4.77
C THR A 480 -20.68 -2.26 -5.81
N ARG A 481 -19.46 -2.48 -5.33
CA ARG A 481 -18.31 -2.50 -6.20
C ARG A 481 -18.36 -3.70 -7.15
N ARG A 482 -17.76 -3.54 -8.32
CA ARG A 482 -17.42 -4.62 -9.22
C ARG A 482 -18.65 -5.32 -9.81
N LEU A 483 -19.76 -4.60 -9.92
CA LEU A 483 -20.90 -5.15 -10.65
C LEU A 483 -20.67 -5.02 -12.14
N SER A 484 -20.93 -6.11 -12.86
CA SER A 484 -20.59 -6.17 -14.28
C SER A 484 -21.82 -6.38 -15.16
N GLN A 485 -22.65 -7.35 -14.79
CA GLN A 485 -23.79 -7.76 -15.62
C GLN A 485 -25.09 -7.50 -14.89
N GLN A 486 -26.12 -7.19 -15.67
CA GLN A 486 -27.49 -7.02 -15.17
C GLN A 486 -27.53 -6.11 -13.95
N ILE A 487 -27.10 -4.88 -14.17
CA ILE A 487 -27.25 -3.87 -13.14
C ILE A 487 -28.72 -3.50 -13.00
N ASP A 488 -29.11 -3.09 -11.80
CA ASP A 488 -30.46 -2.64 -11.59
C ASP A 488 -30.74 -1.43 -12.47
N PRO A 489 -31.79 -1.46 -13.29
CA PRO A 489 -32.11 -0.27 -14.10
C PRO A 489 -32.41 0.96 -13.27
N GLN A 490 -32.68 0.80 -11.97
CA GLN A 490 -32.72 1.93 -11.06
C GLN A 490 -31.40 2.71 -11.07
N PHE A 491 -30.29 2.04 -11.42
CA PHE A 491 -28.98 2.66 -11.44
C PHE A 491 -28.57 3.18 -12.81
N HIS A 492 -29.44 3.08 -13.80
CA HIS A 492 -29.01 3.37 -15.17
C HIS A 492 -28.73 4.85 -15.37
N THR A 493 -29.51 5.71 -14.74
CA THR A 493 -29.35 7.15 -14.96
C THR A 493 -28.02 7.65 -14.40
N MET A 494 -27.69 7.26 -13.17
CA MET A 494 -26.43 7.71 -12.58
C MET A 494 -25.24 7.12 -13.31
N LEU A 495 -25.35 5.88 -13.78
CA LEU A 495 -24.27 5.30 -14.56
C LEU A 495 -24.13 5.94 -15.94
N MET A 496 -25.20 6.44 -16.53
CA MET A 496 -25.12 7.16 -17.78
C MET A 496 -24.69 8.61 -17.60
N ILE A 497 -24.77 9.13 -16.37
CA ILE A 497 -24.12 10.40 -16.07
C ILE A 497 -22.64 10.22 -15.76
N ALA A 498 -22.27 9.08 -15.16
CA ALA A 498 -20.87 8.79 -14.92
C ALA A 498 -20.13 8.44 -16.20
N ALA A 499 -20.84 7.88 -17.19
CA ALA A 499 -20.23 7.65 -18.49
C ALA A 499 -19.81 8.97 -19.13
N SER A 500 -20.66 9.99 -19.03
CA SER A 500 -20.32 11.30 -19.56
C SER A 500 -19.11 11.88 -18.84
N GLY A 501 -19.02 11.66 -17.52
CA GLY A 501 -17.85 12.13 -16.79
C GLY A 501 -16.58 11.41 -17.20
N ALA A 502 -16.67 10.11 -17.44
CA ALA A 502 -15.51 9.39 -17.95
C ALA A 502 -15.11 9.90 -19.32
N VAL A 503 -16.08 10.24 -20.17
CA VAL A 503 -15.78 10.83 -21.47
C VAL A 503 -15.11 12.19 -21.30
N LEU A 504 -15.55 12.97 -20.32
CA LEU A 504 -14.92 14.28 -20.10
C LEU A 504 -13.50 14.14 -19.56
N ILE A 505 -13.26 13.14 -18.71
CA ILE A 505 -11.89 12.88 -18.27
C ILE A 505 -11.04 12.38 -19.44
N ALA A 506 -11.66 11.63 -20.36
CA ALA A 506 -10.97 11.26 -21.59
C ALA A 506 -10.55 12.50 -22.38
N LEU A 507 -11.47 13.44 -22.53
CA LEU A 507 -11.13 14.71 -23.17
C LEU A 507 -10.01 15.42 -22.42
N GLY A 508 -10.01 15.33 -21.09
CA GLY A 508 -8.94 15.95 -20.32
C GLY A 508 -7.59 15.32 -20.55
N ILE A 509 -7.54 13.99 -20.60
CA ILE A 509 -6.29 13.31 -20.90
C ILE A 509 -5.83 13.62 -22.32
N LEU A 510 -6.79 13.72 -23.24
CA LEU A 510 -6.46 14.13 -24.61
C LEU A 510 -5.88 15.54 -24.63
N CYS A 511 -6.44 16.44 -23.83
CA CYS A 511 -5.91 17.79 -23.74
C CYS A 511 -4.50 17.79 -23.16
N LEU A 512 -4.25 16.92 -22.18
CA LEU A 512 -2.90 16.81 -21.63
C LEU A 512 -1.90 16.29 -22.68
N VAL A 513 -2.32 15.30 -23.48
CA VAL A 513 -1.47 14.80 -24.54
C VAL A 513 -1.19 15.89 -25.57
N ILE A 514 -2.22 16.64 -25.95
CA ILE A 514 -2.04 17.75 -26.88
C ILE A 514 -1.13 18.80 -26.28
N GLN A 515 -1.24 19.04 -24.97
CA GLN A 515 -0.36 19.99 -24.31
C GLN A 515 1.09 19.56 -24.40
N MET A 516 1.37 18.30 -24.11
CA MET A 516 2.73 17.80 -24.23
C MET A 516 3.24 17.91 -25.66
N TYR A 517 2.40 17.54 -26.63
CA TYR A 517 2.82 17.60 -28.03
C TYR A 517 3.11 19.02 -28.47
N VAL A 518 2.25 19.98 -28.10
CA VAL A 518 2.46 21.35 -28.54
C VAL A 518 3.64 21.98 -27.82
N SER A 519 3.85 21.62 -26.55
CA SER A 519 5.00 22.15 -25.82
C SER A 519 6.30 21.64 -26.43
N ILE A 520 6.35 20.36 -26.80
CA ILE A 520 7.55 19.82 -27.45
C ILE A 520 7.71 20.42 -28.84
N ARG A 521 6.60 20.63 -29.55
CA ARG A 521 6.67 21.24 -30.88
C ARG A 521 7.10 22.69 -30.78
N ASP A 522 6.61 23.42 -29.78
CA ASP A 522 6.99 24.80 -29.53
C ASP A 522 8.08 24.89 -28.47
N ARG A 523 9.00 23.93 -28.48
CA ARG A 523 10.06 23.88 -27.48
C ARG A 523 10.95 25.11 -27.53
N ASP A 524 11.26 25.60 -28.74
CA ASP A 524 12.21 26.70 -28.86
C ASP A 524 11.66 28.00 -28.31
N GLN A 525 10.34 28.18 -28.33
CA GLN A 525 9.73 29.25 -27.55
C GLN A 525 9.44 28.76 -26.14
N ASN A 526 9.31 29.70 -25.21
CA ASN A 526 9.13 29.39 -23.79
C ASN A 526 10.24 28.47 -23.28
N ARG A 527 11.48 28.94 -23.41
CA ARG A 527 12.66 28.09 -23.20
C ARG A 527 13.26 28.26 -21.81
N ASP A 528 12.56 28.97 -20.92
CA ASP A 528 12.98 29.13 -19.53
C ASP A 528 14.48 29.42 -19.43
N LEU A 529 14.93 30.50 -20.05
CA LEU A 529 16.36 30.78 -20.12
C LEU A 529 16.98 30.90 -18.73
N THR A 530 16.38 31.72 -17.87
CA THR A 530 16.98 32.00 -16.57
C THR A 530 17.10 30.75 -15.70
N GLY A 531 16.26 29.75 -15.94
CA GLY A 531 16.23 28.60 -15.07
C GLY A 531 15.52 28.87 -13.76
N ASP A 532 14.55 29.77 -13.78
CA ASP A 532 13.78 30.15 -12.60
C ASP A 532 12.47 30.78 -13.06
N PRO A 533 11.59 30.03 -13.70
CA PRO A 533 10.32 30.60 -14.15
C PRO A 533 9.32 30.62 -13.00
N TRP A 534 8.30 31.47 -13.16
CA TRP A 534 7.20 31.56 -12.21
C TRP A 534 7.74 31.83 -10.80
N GLY A 535 8.52 32.89 -10.67
CA GLY A 535 9.21 33.17 -9.42
C GLY A 535 10.06 32.00 -8.97
N GLY A 536 9.91 31.59 -7.72
CA GLY A 536 10.61 30.43 -7.19
C GLY A 536 11.03 30.65 -5.76
N ARG A 537 11.01 29.58 -4.97
CA ARG A 537 11.29 29.72 -3.55
C ARG A 537 12.18 28.62 -2.97
N THR A 538 12.75 27.74 -3.79
CA THR A 538 13.55 26.64 -3.29
C THR A 538 14.79 26.48 -4.16
N LEU A 539 15.74 25.69 -3.65
CA LEU A 539 17.03 25.52 -4.31
C LEU A 539 16.91 24.96 -5.71
N GLU A 540 15.83 24.23 -6.01
CA GLU A 540 15.67 23.63 -7.32
C GLU A 540 15.64 24.69 -8.41
N TRP A 541 15.24 25.91 -8.09
CA TRP A 541 15.14 26.98 -9.07
C TRP A 541 16.41 27.80 -9.15
N ALA A 542 17.48 27.40 -8.47
CA ALA A 542 18.77 28.06 -8.55
C ALA A 542 19.71 27.36 -9.54
N THR A 543 19.15 26.64 -10.49
CA THR A 543 19.92 25.89 -11.47
C THR A 543 19.39 26.20 -12.86
N SER A 544 20.14 25.76 -13.87
CA SER A 544 19.69 25.93 -15.25
C SER A 544 18.42 25.12 -15.46
N SER A 545 17.63 25.52 -16.47
CA SER A 545 16.32 24.91 -16.65
C SER A 545 16.42 23.40 -16.90
N PRO A 546 17.24 22.90 -17.81
CA PRO A 546 17.76 21.55 -17.63
C PRO A 546 18.96 21.59 -16.72
N PRO A 547 18.85 21.08 -15.49
CA PRO A 547 19.98 21.14 -14.58
C PRO A 547 21.13 20.33 -15.12
N PRO A 548 22.36 20.71 -14.80
CA PRO A 548 23.52 19.89 -15.20
C PRO A 548 23.48 18.54 -14.52
N PHE A 549 24.22 17.59 -15.08
CA PHE A 549 24.23 16.23 -14.53
C PHE A 549 24.67 16.23 -13.07
N TYR A 550 25.51 17.18 -12.67
CA TYR A 550 25.87 17.33 -11.27
C TYR A 550 24.86 18.20 -10.51
N ASN A 551 24.14 19.06 -11.22
CA ASN A 551 23.00 19.86 -10.77
C ASN A 551 23.38 20.96 -9.78
N PHE A 552 24.64 20.98 -9.34
CA PHE A 552 25.14 22.07 -8.52
C PHE A 552 26.66 22.08 -8.63
N ALA A 553 27.21 23.20 -9.10
CA ALA A 553 28.66 23.31 -9.16
C ALA A 553 29.25 23.49 -7.77
N VAL A 554 28.60 24.33 -6.96
CA VAL A 554 28.95 24.49 -5.56
C VAL A 554 27.68 24.30 -4.76
N VAL A 555 27.69 23.35 -3.83
CA VAL A 555 26.52 23.05 -3.01
C VAL A 555 26.10 24.31 -2.27
N PRO A 556 24.83 24.71 -2.34
CA PRO A 556 24.39 25.95 -1.68
C PRO A 556 24.55 25.89 -0.18
N HIS A 557 24.61 27.05 0.47
CA HIS A 557 24.83 27.12 1.90
C HIS A 557 23.54 27.18 2.71
N VAL A 558 22.45 27.66 2.10
CA VAL A 558 21.11 27.57 2.66
C VAL A 558 21.06 28.04 4.10
N HIS A 559 21.27 29.34 4.33
CA HIS A 559 21.20 29.87 5.68
C HIS A 559 19.77 30.02 6.17
N GLU A 560 18.79 30.01 5.27
CA GLU A 560 17.40 30.27 5.63
C GLU A 560 16.49 29.17 5.13
N ARG A 561 15.23 29.25 5.52
CA ARG A 561 14.26 28.21 5.19
C ARG A 561 13.89 28.25 3.70
N ASP A 562 13.48 29.42 3.21
CA ASP A 562 13.10 29.58 1.80
C ASP A 562 14.31 30.03 0.99
N ALA A 563 15.31 29.16 0.96
CA ALA A 563 16.68 29.48 0.53
C ALA A 563 16.78 30.37 -0.70
N PHE A 564 16.21 29.93 -1.83
CA PHE A 564 16.40 30.69 -3.06
C PHE A 564 15.65 32.02 -3.03
N TRP A 565 14.46 32.05 -2.42
CA TRP A 565 13.77 33.33 -2.29
C TRP A 565 14.55 34.27 -1.40
N GLU A 566 15.15 33.76 -0.32
CA GLU A 566 15.96 34.59 0.54
C GLU A 566 17.22 35.07 -0.17
N MET A 567 17.79 34.22 -1.04
CA MET A 567 18.95 34.64 -1.81
C MET A 567 18.59 35.70 -2.83
N LYS A 568 17.39 35.63 -3.40
CA LYS A 568 16.97 36.66 -4.35
C LYS A 568 16.68 37.97 -3.63
N GLU A 569 16.02 37.92 -2.47
CA GLU A 569 15.77 39.13 -1.72
C GLU A 569 17.05 39.74 -1.18
N LYS A 570 17.96 38.91 -0.66
CA LYS A 570 19.23 39.43 -0.16
C LYS A 570 20.15 39.91 -1.27
N GLY A 571 19.87 39.54 -2.52
CA GLY A 571 20.71 39.93 -3.63
C GLY A 571 21.89 39.00 -3.89
N GLU A 572 22.09 37.99 -3.04
CA GLU A 572 23.14 37.00 -3.26
C GLU A 572 22.60 35.79 -4.02
N ALA A 573 21.96 36.05 -5.15
CA ALA A 573 21.27 35.00 -5.88
C ALA A 573 22.20 34.25 -6.84
N TYR A 574 22.80 34.98 -7.79
CA TYR A 574 23.63 34.37 -8.82
C TYR A 574 25.06 34.91 -8.68
N LYS A 575 25.90 34.17 -7.98
CA LYS A 575 27.29 34.52 -7.79
C LYS A 575 28.17 33.48 -8.46
N LYS A 576 29.05 33.93 -9.34
CA LYS A 576 30.04 33.04 -9.93
C LYS A 576 31.13 32.76 -8.89
N PRO A 577 31.34 31.51 -8.50
CA PRO A 577 32.41 31.21 -7.54
C PRO A 577 33.78 31.44 -8.15
N ASP A 578 34.77 31.63 -7.27
CA ASP A 578 36.13 31.86 -7.73
C ASP A 578 36.70 30.63 -8.44
N HIS A 579 36.43 29.44 -7.91
CA HIS A 579 36.98 28.21 -8.46
C HIS A 579 35.93 27.11 -8.39
N TYR A 580 35.88 26.29 -9.43
CA TYR A 580 35.06 25.09 -9.45
C TYR A 580 35.97 23.88 -9.26
N GLU A 581 35.77 23.17 -8.17
CA GLU A 581 36.55 21.96 -7.91
C GLU A 581 35.97 20.78 -8.67
N GLU A 582 36.84 19.83 -9.00
CA GLU A 582 36.37 18.55 -9.53
C GLU A 582 35.44 17.90 -8.52
N ILE A 583 34.30 17.42 -8.99
CA ILE A 583 33.34 16.79 -8.09
C ILE A 583 33.06 15.37 -8.54
N HIS A 584 32.78 14.53 -7.55
CA HIS A 584 32.67 13.09 -7.70
C HIS A 584 31.24 12.73 -8.11
N MET A 585 31.09 12.02 -9.22
CA MET A 585 29.78 11.64 -9.72
C MET A 585 29.71 10.14 -9.86
N PRO A 586 28.54 9.56 -9.63
CA PRO A 586 28.34 8.15 -9.96
C PRO A 586 28.32 7.93 -11.45
N LYS A 587 28.76 6.74 -11.86
CA LYS A 587 28.84 6.39 -13.26
C LYS A 587 27.62 5.57 -13.65
N ASN A 588 27.07 5.85 -14.83
CA ASN A 588 25.91 5.12 -15.31
C ASN A 588 26.24 3.64 -15.43
N SER A 589 25.31 2.80 -14.97
CA SER A 589 25.52 1.36 -14.92
C SER A 589 24.27 0.65 -15.45
N GLY A 590 24.45 -0.16 -16.47
CA GLY A 590 23.36 -0.94 -17.02
C GLY A 590 23.06 -2.21 -16.30
N ALA A 591 23.80 -2.50 -15.22
CA ALA A 591 23.59 -3.73 -14.47
C ALA A 591 22.14 -3.87 -14.02
N GLY A 592 21.53 -2.75 -13.61
CA GLY A 592 20.13 -2.79 -13.22
C GLY A 592 19.25 -3.40 -14.29
N ILE A 593 19.44 -2.98 -15.55
CA ILE A 593 18.76 -3.55 -16.70
C ILE A 593 18.83 -5.06 -16.61
N VAL A 594 20.04 -5.59 -16.45
CA VAL A 594 20.24 -7.05 -16.34
C VAL A 594 19.67 -7.57 -15.02
N ILE A 595 19.62 -6.78 -13.95
CA ILE A 595 19.14 -7.32 -12.65
C ILE A 595 17.64 -7.13 -12.68
N ALA A 596 17.13 -6.68 -13.80
CA ALA A 596 15.68 -6.55 -13.96
C ALA A 596 15.26 -7.30 -15.20
N ALA A 597 16.18 -7.54 -16.12
CA ALA A 597 15.77 -8.42 -17.19
C ALA A 597 15.52 -9.83 -16.68
N PHE A 598 16.44 -10.35 -15.87
CA PHE A 598 16.24 -11.62 -15.21
C PHE A 598 15.13 -11.54 -14.17
N SER A 599 14.72 -10.34 -13.78
CA SER A 599 13.54 -10.19 -12.96
C SER A 599 12.26 -10.33 -13.76
N THR A 600 12.28 -9.91 -15.03
CA THR A 600 11.11 -10.10 -15.89
C THR A 600 10.96 -11.56 -16.27
N ILE A 601 12.08 -12.24 -16.52
CA ILE A 601 12.09 -13.67 -16.77
C ILE A 601 11.58 -14.40 -15.54
N PHE A 602 12.29 -14.23 -14.42
CA PHE A 602 11.96 -14.95 -13.19
C PHE A 602 10.48 -14.80 -12.82
N GLY A 603 9.96 -13.59 -12.89
CA GLY A 603 8.54 -13.41 -12.62
C GLY A 603 7.67 -14.13 -13.61
N PHE A 604 7.92 -13.94 -14.90
CA PHE A 604 7.10 -14.59 -15.91
C PHE A 604 7.25 -16.09 -15.87
N ALA A 605 8.48 -16.58 -15.72
CA ALA A 605 8.73 -18.00 -15.58
C ALA A 605 8.29 -18.53 -14.23
N MET A 606 7.89 -17.66 -13.31
CA MET A 606 7.19 -18.12 -12.12
C MET A 606 5.69 -18.07 -12.31
N ILE A 607 5.19 -17.10 -13.08
CA ILE A 607 3.75 -17.02 -13.34
C ILE A 607 3.28 -18.27 -14.07
N TRP A 608 3.96 -18.60 -15.17
CA TRP A 608 3.84 -19.90 -15.80
C TRP A 608 4.90 -20.81 -15.22
N HIS A 609 4.50 -22.00 -14.79
CA HIS A 609 5.33 -22.83 -13.93
C HIS A 609 6.54 -23.38 -14.69
N ILE A 610 7.31 -22.46 -15.28
CA ILE A 610 8.53 -22.80 -16.02
C ILE A 610 9.67 -22.76 -15.01
N TRP A 611 9.87 -23.88 -14.33
CA TRP A 611 10.80 -23.90 -13.21
C TRP A 611 12.24 -23.70 -13.65
N TRP A 612 12.64 -24.28 -14.79
CA TRP A 612 14.02 -24.10 -15.24
C TRP A 612 14.31 -22.65 -15.55
N LEU A 613 13.37 -21.96 -16.20
CA LEU A 613 13.57 -20.57 -16.55
C LEU A 613 13.43 -19.66 -15.35
N ALA A 614 12.60 -20.02 -14.37
CA ALA A 614 12.55 -19.25 -13.12
C ALA A 614 13.85 -19.38 -12.35
N ILE A 615 14.44 -20.59 -12.35
CA ILE A 615 15.71 -20.77 -11.67
C ILE A 615 16.83 -20.03 -12.38
N VAL A 616 16.84 -20.00 -13.72
CA VAL A 616 17.89 -19.28 -14.43
C VAL A 616 17.62 -17.79 -14.52
N GLY A 617 16.45 -17.34 -14.11
CA GLY A 617 16.22 -15.91 -13.96
C GLY A 617 16.58 -15.44 -12.56
N PHE A 618 16.29 -16.26 -11.55
CA PHE A 618 16.69 -15.91 -10.20
C PHE A 618 18.22 -15.99 -10.05
N ALA A 619 18.82 -17.06 -10.56
CA ALA A 619 20.27 -17.14 -10.60
C ALA A 619 20.85 -15.99 -11.41
N GLY A 620 20.18 -15.60 -12.50
CA GLY A 620 20.66 -14.48 -13.28
C GLY A 620 20.67 -13.18 -12.49
N MET A 621 19.59 -12.92 -11.74
CA MET A 621 19.53 -11.72 -10.92
C MET A 621 20.63 -11.73 -9.87
N ILE A 622 20.76 -12.85 -9.16
CA ILE A 622 21.71 -12.90 -8.06
C ILE A 622 23.14 -12.82 -8.57
N ILE A 623 23.42 -13.46 -9.71
CA ILE A 623 24.78 -13.44 -10.24
C ILE A 623 25.11 -12.08 -10.83
N THR A 624 24.15 -11.40 -11.47
CA THR A 624 24.41 -10.03 -11.90
C THR A 624 24.62 -9.11 -10.71
N TRP A 625 23.95 -9.39 -9.60
CA TRP A 625 24.18 -8.62 -8.38
C TRP A 625 25.59 -8.87 -7.84
N ILE A 626 26.06 -10.10 -7.87
CA ILE A 626 27.43 -10.39 -7.45
C ILE A 626 28.43 -9.68 -8.35
N VAL A 627 28.20 -9.73 -9.67
CA VAL A 627 29.11 -9.11 -10.61
C VAL A 627 29.17 -7.60 -10.39
N LYS A 628 28.01 -6.97 -10.24
CA LYS A 628 27.99 -5.54 -9.91
C LYS A 628 28.68 -5.26 -8.58
N SER A 629 28.59 -6.19 -7.63
CA SER A 629 29.33 -6.03 -6.38
C SER A 629 30.83 -6.04 -6.63
N PHE A 630 31.29 -6.89 -7.55
CA PHE A 630 32.71 -6.94 -7.87
C PHE A 630 33.18 -5.72 -8.64
N ASP A 631 32.28 -4.94 -9.22
CA ASP A 631 32.67 -3.76 -9.96
C ASP A 631 33.30 -2.72 -9.04
N GLU A 632 34.33 -2.04 -9.53
CA GLU A 632 35.06 -1.08 -8.73
C GLU A 632 35.09 0.33 -9.31
N ASP A 633 35.04 0.49 -10.63
CA ASP A 633 35.07 1.82 -11.24
C ASP A 633 33.64 2.29 -11.49
N VAL A 634 32.97 2.63 -10.40
CA VAL A 634 31.59 3.06 -10.43
C VAL A 634 31.47 4.56 -10.17
N ASP A 635 32.55 5.31 -10.36
CA ASP A 635 32.54 6.75 -10.12
C ASP A 635 33.50 7.43 -11.09
N TYR A 636 33.26 8.72 -11.29
CA TYR A 636 34.15 9.53 -12.12
C TYR A 636 34.15 10.95 -11.59
N TYR A 637 35.34 11.54 -11.47
CA TYR A 637 35.43 12.95 -11.15
C TYR A 637 35.25 13.77 -12.41
N VAL A 638 34.23 14.63 -12.43
CA VAL A 638 33.99 15.40 -13.65
C VAL A 638 35.06 16.49 -13.77
N PRO A 639 35.66 16.68 -14.95
CA PRO A 639 36.73 17.68 -15.07
C PRO A 639 36.21 19.08 -14.84
N VAL A 640 37.10 19.94 -14.34
CA VAL A 640 36.75 21.33 -14.08
C VAL A 640 36.38 22.07 -15.34
N ALA A 641 36.87 21.63 -16.50
CA ALA A 641 36.55 22.31 -17.75
C ALA A 641 35.06 22.21 -18.06
N GLU A 642 34.47 21.03 -17.87
CA GLU A 642 33.05 20.85 -18.14
C GLU A 642 32.20 21.70 -17.19
N ILE A 643 32.55 21.70 -15.91
CA ILE A 643 31.83 22.51 -14.94
C ILE A 643 31.95 23.99 -15.29
N GLU A 644 33.16 24.43 -15.66
CA GLU A 644 33.36 25.82 -16.04
C GLU A 644 32.50 26.18 -17.25
N LYS A 645 32.47 25.31 -18.26
CA LYS A 645 31.70 25.60 -19.47
C LYS A 645 30.21 25.69 -19.15
N LEU A 646 29.69 24.72 -18.40
CA LEU A 646 28.26 24.72 -18.08
C LEU A 646 27.88 25.93 -17.24
N GLU A 647 28.69 26.24 -16.21
CA GLU A 647 28.39 27.37 -15.36
C GLU A 647 28.51 28.68 -16.11
N ASN A 648 29.48 28.78 -17.02
CA ASN A 648 29.59 29.99 -17.84
C ASN A 648 28.38 30.15 -18.74
N GLN A 649 27.89 29.05 -19.32
CA GLN A 649 26.67 29.13 -20.12
C GLN A 649 25.50 29.62 -19.27
N HIS A 650 25.34 29.05 -18.08
CA HIS A 650 24.22 29.44 -17.23
C HIS A 650 24.32 30.90 -16.81
N PHE A 651 25.51 31.35 -16.40
CA PHE A 651 25.65 32.72 -15.92
C PHE A 651 25.58 33.72 -17.05
N ASP A 652 26.04 33.36 -18.25
CA ASP A 652 25.87 34.24 -19.40
C ASP A 652 24.40 34.34 -19.78
N GLU A 653 23.65 33.24 -19.64
CA GLU A 653 22.22 33.30 -19.88
C GLU A 653 21.53 34.21 -18.85
N ILE A 654 21.97 34.14 -17.60
CA ILE A 654 21.46 35.06 -16.58
C ILE A 654 21.80 36.50 -16.94
N THR A 655 23.02 36.72 -17.43
CA THR A 655 23.45 38.06 -17.83
C THR A 655 22.60 38.58 -18.99
N LYS A 656 22.17 37.69 -19.87
CA LYS A 656 21.28 38.09 -20.95
C LYS A 656 19.89 38.47 -20.45
N ALA A 657 19.63 38.23 -19.17
CA ALA A 657 18.45 38.71 -18.44
C ALA A 657 18.97 39.62 -17.34
N GLY A 658 18.12 39.99 -16.38
CA GLY A 658 18.60 40.80 -15.28
C GLY A 658 19.77 40.10 -14.61
N LEU A 659 20.97 40.63 -14.85
CA LEU A 659 22.19 39.84 -14.65
C LEU A 659 22.44 39.52 -13.18
N LYS A 660 22.24 40.50 -12.30
CA LYS A 660 22.68 40.39 -10.91
C LYS A 660 24.19 40.13 -10.86
N SER B 23 -26.91 11.22 -3.56
CA SER B 23 -27.74 11.25 -2.35
C SER B 23 -29.21 11.37 -2.71
N GLY B 24 -29.77 10.30 -3.26
CA GLY B 24 -31.15 10.33 -3.68
C GLY B 24 -32.11 10.44 -2.50
N CYS B 25 -33.23 11.13 -2.74
CA CYS B 25 -34.24 11.27 -1.70
C CYS B 25 -34.91 9.94 -1.39
N ASN B 26 -35.17 9.13 -2.42
CA ASN B 26 -35.76 7.82 -2.26
C ASN B 26 -34.74 6.69 -2.32
N SER B 27 -33.46 7.02 -2.19
CA SER B 27 -32.41 6.02 -2.24
C SER B 27 -32.54 5.03 -1.08
N ALA B 28 -31.86 3.90 -1.21
CA ALA B 28 -31.98 2.84 -0.22
C ALA B 28 -31.51 3.31 1.16
N LEU B 29 -30.39 4.03 1.20
CA LEU B 29 -29.80 4.40 2.48
C LEU B 29 -30.45 5.64 3.08
N LEU B 30 -30.80 6.63 2.26
CA LEU B 30 -31.42 7.85 2.74
C LEU B 30 -32.94 7.77 2.71
N ASP B 31 -33.47 6.55 2.70
CA ASP B 31 -34.89 6.25 2.89
C ASP B 31 -34.98 4.80 3.35
N PRO B 32 -34.43 4.47 4.52
CA PRO B 32 -34.39 3.08 4.95
C PRO B 32 -35.67 2.63 5.62
N LYS B 33 -35.97 1.35 5.46
CA LYS B 33 -37.16 0.75 6.02
C LYS B 33 -36.85 -0.11 7.25
N GLY B 34 -35.65 0.02 7.80
CA GLY B 34 -35.28 -0.75 8.97
C GLY B 34 -34.74 0.16 10.06
N GLN B 35 -34.92 -0.29 11.30
CA GLN B 35 -34.50 0.52 12.45
C GLN B 35 -33.00 0.75 12.43
N ILE B 36 -32.23 -0.31 12.16
CA ILE B 36 -30.79 -0.16 12.00
C ILE B 36 -30.49 0.80 10.86
N GLY B 37 -31.25 0.69 9.76
CA GLY B 37 -31.09 1.62 8.65
C GLY B 37 -31.41 3.05 9.04
N LEU B 38 -32.45 3.24 9.85
CA LEU B 38 -32.81 4.59 10.28
C LEU B 38 -31.72 5.19 11.17
N GLU B 39 -31.19 4.41 12.10
CA GLU B 39 -30.12 4.91 12.96
C GLU B 39 -28.86 5.18 12.17
N GLN B 40 -28.55 4.35 11.18
CA GLN B 40 -27.36 4.58 10.35
C GLN B 40 -27.55 5.81 9.48
N ARG B 41 -28.76 6.05 8.98
CA ARG B 41 -29.03 7.25 8.21
C ARG B 41 -28.90 8.50 9.09
N SER B 42 -29.39 8.43 10.33
CA SER B 42 -29.23 9.55 11.25
C SER B 42 -27.75 9.82 11.51
N LEU B 43 -26.98 8.75 11.72
CA LEU B 43 -25.53 8.91 11.93
C LEU B 43 -24.87 9.53 10.71
N ILE B 44 -25.23 9.06 9.51
CA ILE B 44 -24.64 9.58 8.28
C ILE B 44 -24.95 11.06 8.14
N LEU B 45 -26.20 11.45 8.39
CA LEU B 45 -26.57 12.86 8.26
C LEU B 45 -25.85 13.72 9.29
N THR B 46 -25.75 13.25 10.54
CA THR B 46 -25.06 14.03 11.56
C THR B 46 -23.59 14.21 11.22
N ALA B 47 -22.94 13.14 10.77
CA ALA B 47 -21.53 13.26 10.39
C ALA B 47 -21.36 14.15 9.18
N PHE B 48 -22.27 14.05 8.21
CA PHE B 48 -22.20 14.87 7.01
C PHE B 48 -22.32 16.35 7.35
N GLY B 49 -23.27 16.71 8.22
CA GLY B 49 -23.41 18.11 8.60
C GLY B 49 -22.25 18.61 9.44
N LEU B 50 -21.79 17.79 10.39
CA LEU B 50 -20.74 18.24 11.29
C LEU B 50 -19.40 18.34 10.59
N MET B 51 -19.20 17.57 9.52
CA MET B 51 -18.03 17.75 8.69
C MET B 51 -18.24 18.83 7.63
N LEU B 52 -19.49 19.13 7.28
CA LEU B 52 -19.74 20.22 6.36
C LEU B 52 -19.52 21.58 6.98
N ILE B 53 -19.69 21.70 8.30
CA ILE B 53 -19.53 23.02 8.90
C ILE B 53 -18.07 23.41 8.95
N VAL B 54 -17.19 22.52 8.47
CA VAL B 54 -15.76 22.83 8.39
C VAL B 54 -15.28 22.62 6.96
N VAL B 55 -16.01 21.83 6.17
CA VAL B 55 -15.62 21.62 4.78
C VAL B 55 -16.16 22.72 3.87
N ILE B 56 -17.40 23.18 4.10
CA ILE B 56 -17.97 24.27 3.31
C ILE B 56 -17.15 25.53 3.51
N PRO B 57 -16.75 25.89 4.75
CA PRO B 57 -15.78 26.98 4.87
C PRO B 57 -14.50 26.75 4.10
N ALA B 58 -13.99 25.52 4.04
CA ALA B 58 -12.74 25.28 3.34
C ALA B 58 -12.88 25.57 1.85
N ILE B 59 -13.94 25.08 1.22
CA ILE B 59 -14.12 25.30 -0.21
C ILE B 59 -14.46 26.76 -0.48
N LEU B 60 -15.28 27.38 0.37
CA LEU B 60 -15.65 28.76 0.19
C LEU B 60 -14.46 29.68 0.33
N MET B 61 -13.55 29.40 1.26
CA MET B 61 -12.32 30.18 1.35
C MET B 61 -11.35 29.87 0.22
N ALA B 62 -11.32 28.63 -0.25
CA ALA B 62 -10.45 28.28 -1.36
C ALA B 62 -10.79 29.08 -2.61
N VAL B 63 -12.08 29.27 -2.87
CA VAL B 63 -12.47 30.09 -4.02
C VAL B 63 -12.52 31.59 -3.68
N GLY B 64 -12.82 31.96 -2.45
CA GLY B 64 -12.91 33.39 -2.18
C GLY B 64 -11.53 33.97 -2.10
N PHE B 65 -10.70 33.41 -1.24
CA PHE B 65 -9.31 33.88 -1.08
C PHE B 65 -8.71 33.94 -2.46
N ALA B 66 -9.11 33.03 -3.33
CA ALA B 66 -8.48 33.01 -4.65
C ALA B 66 -8.86 34.21 -5.49
N TRP B 67 -10.13 34.59 -5.49
CA TRP B 67 -10.58 35.72 -6.33
C TRP B 67 -10.12 36.98 -5.64
N LYS B 68 -10.51 37.11 -4.36
CA LYS B 68 -10.24 38.36 -3.59
C LYS B 68 -8.77 38.73 -3.69
N TYR B 69 -7.89 37.88 -3.18
CA TYR B 69 -6.46 38.30 -3.18
C TYR B 69 -5.98 38.33 -4.63
N ARG B 70 -6.35 37.31 -5.43
CA ARG B 70 -5.96 37.25 -6.87
C ARG B 70 -4.51 37.72 -7.03
N ALA B 71 -4.25 38.49 -8.07
CA ALA B 71 -2.88 39.03 -8.27
C ALA B 71 -3.15 40.29 -9.04
N SER B 72 -4.24 40.26 -9.77
CA SER B 72 -4.70 41.46 -10.48
C SER B 72 -5.29 42.37 -9.42
N ASN B 73 -6.05 41.81 -8.49
CA ASN B 73 -6.72 42.74 -7.55
C ASN B 73 -5.59 43.49 -6.90
N LYS B 74 -5.62 44.80 -6.98
CA LYS B 74 -4.51 45.59 -6.44
C LYS B 74 -4.94 46.11 -5.09
N ASP B 75 -6.24 46.06 -4.84
CA ASP B 75 -6.75 46.49 -3.51
C ASP B 75 -6.46 45.48 -2.39
N ALA B 76 -5.94 44.30 -2.72
CA ALA B 76 -5.62 43.28 -1.74
C ALA B 76 -4.43 43.73 -0.90
N LYS B 77 -4.13 42.96 0.14
CA LYS B 77 -3.08 43.38 1.09
C LYS B 77 -1.72 42.85 0.69
N TYR B 78 -1.64 41.79 -0.09
CA TYR B 78 -0.32 41.35 -0.59
C TYR B 78 0.69 41.30 0.53
N SER B 79 0.41 40.66 1.65
CA SER B 79 1.42 40.70 2.72
C SER B 79 2.37 39.50 2.61
N PRO B 80 3.54 39.54 1.94
CA PRO B 80 4.39 38.35 1.90
C PRO B 80 5.05 38.13 3.25
N ASN B 81 5.81 37.03 3.34
CA ASN B 81 6.59 36.64 4.53
C ASN B 81 5.74 36.67 5.81
N TRP B 82 4.42 36.69 5.67
CA TRP B 82 3.52 36.52 6.81
C TRP B 82 3.29 35.03 6.98
N SER B 83 4.15 34.39 7.78
CA SER B 83 4.14 32.95 7.92
C SER B 83 3.33 32.49 9.12
N HIS B 84 3.73 32.87 10.32
CA HIS B 84 3.12 32.36 11.53
C HIS B 84 2.12 33.36 12.11
N SER B 85 1.01 32.83 12.62
CA SER B 85 0.02 33.61 13.35
C SER B 85 -0.57 32.71 14.42
N ASN B 86 -0.55 33.19 15.66
CA ASN B 86 -1.01 32.35 16.76
C ASN B 86 -2.52 32.19 16.78
N LYS B 87 -3.26 33.23 16.37
CA LYS B 87 -4.72 33.11 16.35
C LYS B 87 -5.17 32.16 15.25
N VAL B 88 -4.61 32.31 14.05
CA VAL B 88 -4.99 31.45 12.93
C VAL B 88 -4.64 30.01 13.22
N GLU B 89 -3.42 29.77 13.70
CA GLU B 89 -3.00 28.41 14.02
C GLU B 89 -3.83 27.83 15.16
N ALA B 90 -4.14 28.65 16.17
CA ALA B 90 -4.96 28.18 17.27
C ALA B 90 -6.34 27.76 16.77
N VAL B 91 -6.97 28.59 15.94
CA VAL B 91 -8.28 28.24 15.40
C VAL B 91 -8.21 26.97 14.56
N VAL B 92 -7.20 26.88 13.68
CA VAL B 92 -7.14 25.75 12.76
C VAL B 92 -6.77 24.45 13.47
N TRP B 93 -6.12 24.52 14.63
CA TRP B 93 -5.92 23.31 15.41
C TRP B 93 -7.03 23.09 16.42
N THR B 94 -7.89 24.08 16.65
CA THR B 94 -8.96 23.94 17.62
C THR B 94 -10.23 23.37 17.00
N VAL B 95 -10.77 24.06 15.99
CA VAL B 95 -12.10 23.66 15.48
C VAL B 95 -12.12 22.25 14.89
N PRO B 96 -11.13 21.79 14.10
CA PRO B 96 -11.19 20.39 13.67
C PRO B 96 -11.07 19.43 14.84
N ILE B 97 -10.31 19.79 15.87
CA ILE B 97 -10.18 18.93 17.04
C ILE B 97 -11.53 18.81 17.75
N LEU B 98 -12.24 19.92 17.91
CA LEU B 98 -13.57 19.87 18.50
C LEU B 98 -14.53 19.02 17.67
N ILE B 99 -14.50 19.21 16.35
CA ILE B 99 -15.38 18.46 15.47
C ILE B 99 -15.09 16.98 15.57
N ILE B 100 -13.81 16.61 15.58
CA ILE B 100 -13.44 15.20 15.64
C ILE B 100 -13.68 14.63 17.03
N ILE B 101 -13.62 15.45 18.08
CA ILE B 101 -13.98 14.95 19.41
C ILE B 101 -15.45 14.59 19.45
N PHE B 102 -16.31 15.48 18.93
CA PHE B 102 -17.73 15.15 18.89
C PHE B 102 -17.98 13.94 18.01
N LEU B 103 -17.28 13.87 16.87
CA LEU B 103 -17.44 12.74 15.96
C LEU B 103 -17.00 11.44 16.61
N ALA B 104 -15.91 11.48 17.38
CA ALA B 104 -15.42 10.28 18.06
C ALA B 104 -16.38 9.81 19.14
N VAL B 105 -16.93 10.75 19.93
CA VAL B 105 -17.92 10.37 20.93
C VAL B 105 -19.14 9.74 20.27
N LEU B 106 -19.67 10.41 19.25
CA LEU B 106 -20.82 9.88 18.52
C LEU B 106 -20.48 8.55 17.87
N THR B 107 -19.26 8.39 17.39
CA THR B 107 -18.83 7.16 16.73
C THR B 107 -18.75 6.01 17.72
N TRP B 108 -18.20 6.26 18.91
CA TRP B 108 -18.17 5.21 19.93
C TRP B 108 -19.58 4.78 20.31
N LYS B 109 -20.46 5.76 20.56
CA LYS B 109 -21.82 5.42 20.96
C LYS B 109 -22.54 4.66 19.86
N THR B 110 -22.44 5.13 18.61
CA THR B 110 -23.16 4.50 17.52
C THR B 110 -22.54 3.18 17.10
N THR B 111 -21.24 2.99 17.35
CA THR B 111 -20.61 1.71 17.05
C THR B 111 -21.02 0.66 18.07
N HIS B 112 -21.12 1.04 19.34
CA HIS B 112 -21.59 0.10 20.34
C HIS B 112 -23.09 -0.10 20.27
N ALA B 113 -23.83 0.81 19.63
CA ALA B 113 -25.27 0.60 19.47
C ALA B 113 -25.62 -0.12 18.18
N LEU B 114 -24.83 0.08 17.12
CA LEU B 114 -25.11 -0.47 15.80
C LEU B 114 -24.25 -1.68 15.46
N GLU B 115 -23.56 -2.25 16.44
CA GLU B 115 -22.79 -3.45 16.18
C GLU B 115 -23.72 -4.55 15.67
N PRO B 116 -23.39 -5.21 14.55
CA PRO B 116 -24.33 -6.17 13.95
C PRO B 116 -24.72 -7.32 14.85
N SER B 117 -23.90 -7.61 15.85
CA SER B 117 -24.15 -8.74 16.74
C SER B 117 -24.99 -8.36 17.95
N LYS B 118 -25.48 -7.12 18.01
CA LYS B 118 -26.34 -6.73 19.12
C LYS B 118 -27.76 -7.24 18.89
N PRO B 119 -28.40 -7.79 19.91
CA PRO B 119 -29.72 -8.42 19.74
C PRO B 119 -30.89 -7.46 19.60
N LEU B 120 -30.64 -6.16 19.43
CA LEU B 120 -31.66 -5.17 19.04
C LEU B 120 -32.65 -4.82 20.15
N ALA B 121 -32.65 -5.56 21.25
CA ALA B 121 -33.48 -5.27 22.41
C ALA B 121 -34.93 -4.97 22.02
N HIS B 122 -35.59 -5.99 21.48
CA HIS B 122 -36.95 -5.88 21.00
C HIS B 122 -37.85 -6.89 21.72
N ASP B 123 -39.13 -6.54 21.84
CA ASP B 123 -40.06 -7.39 22.57
C ASP B 123 -40.33 -8.70 21.83
N GLU B 124 -40.43 -8.64 20.51
CA GLU B 124 -40.74 -9.83 19.72
C GLU B 124 -39.55 -10.77 19.69
N LYS B 125 -39.84 -12.07 19.69
CA LYS B 125 -38.78 -13.07 19.63
C LYS B 125 -38.15 -13.06 18.24
N PRO B 126 -36.82 -12.96 18.14
CA PRO B 126 -36.19 -12.83 16.83
C PRO B 126 -36.39 -14.08 15.97
N ILE B 127 -36.56 -13.85 14.68
CA ILE B 127 -36.64 -14.94 13.71
C ILE B 127 -35.22 -15.24 13.25
N THR B 128 -34.76 -16.46 13.52
CA THR B 128 -33.40 -16.85 13.16
C THR B 128 -33.36 -17.33 11.73
N ILE B 129 -32.50 -16.72 10.93
CA ILE B 129 -32.22 -17.14 9.56
C ILE B 129 -30.73 -17.43 9.46
N GLU B 130 -30.38 -18.61 8.99
CA GLU B 130 -28.99 -19.00 8.82
C GLU B 130 -28.65 -18.83 7.34
N VAL B 131 -27.80 -17.85 7.04
CA VAL B 131 -27.47 -17.48 5.68
C VAL B 131 -26.16 -18.17 5.31
N VAL B 132 -26.14 -18.78 4.14
CA VAL B 132 -24.95 -19.42 3.60
C VAL B 132 -24.78 -18.86 2.19
N SER B 133 -23.79 -18.00 2.00
CA SER B 133 -23.41 -17.64 0.65
C SER B 133 -22.85 -18.86 -0.06
N MET B 134 -23.16 -18.99 -1.35
CA MET B 134 -22.69 -20.11 -2.12
C MET B 134 -21.91 -19.55 -3.30
N ASP B 135 -21.71 -20.35 -4.35
CA ASP B 135 -20.89 -19.89 -5.47
C ASP B 135 -21.34 -18.51 -5.93
N TRP B 136 -22.53 -18.42 -6.51
CA TRP B 136 -23.09 -17.11 -6.87
C TRP B 136 -24.58 -17.08 -6.55
N LYS B 137 -24.94 -17.57 -5.37
CA LYS B 137 -26.33 -17.59 -4.93
C LYS B 137 -26.35 -17.51 -3.41
N TRP B 138 -27.51 -17.19 -2.86
CA TRP B 138 -27.69 -17.13 -1.42
C TRP B 138 -28.60 -18.26 -0.96
N PHE B 139 -28.25 -18.88 0.16
CA PHE B 139 -29.01 -19.97 0.73
C PHE B 139 -29.45 -19.58 2.12
N PHE B 140 -30.70 -19.85 2.44
CA PHE B 140 -31.28 -19.40 3.71
C PHE B 140 -31.95 -20.60 4.37
N ILE B 141 -31.45 -20.98 5.53
CA ILE B 141 -32.00 -22.07 6.33
C ILE B 141 -32.80 -21.42 7.45
N TYR B 142 -34.10 -21.62 7.43
CA TYR B 142 -34.91 -21.28 8.60
C TYR B 142 -34.89 -22.47 9.55
N PRO B 143 -34.17 -22.39 10.68
CA PRO B 143 -33.99 -23.58 11.51
C PRO B 143 -35.21 -23.93 12.34
N GLU B 144 -35.96 -22.93 12.81
CA GLU B 144 -37.17 -23.23 13.56
C GLU B 144 -38.36 -23.48 12.64
N GLN B 145 -38.44 -22.75 11.52
CA GLN B 145 -39.50 -23.02 10.56
C GLN B 145 -39.26 -24.31 9.79
N GLY B 146 -38.00 -24.70 9.61
CA GLY B 146 -37.66 -25.84 8.79
C GLY B 146 -37.45 -25.53 7.33
N ILE B 147 -37.64 -24.27 6.92
CA ILE B 147 -37.58 -23.91 5.52
C ILE B 147 -36.13 -23.87 5.03
N ALA B 148 -35.96 -24.06 3.72
CA ALA B 148 -34.74 -23.64 3.05
C ALA B 148 -35.14 -22.87 1.79
N THR B 149 -34.34 -21.87 1.45
CA THR B 149 -34.69 -21.02 0.32
C THR B 149 -33.42 -20.61 -0.39
N VAL B 150 -33.56 -20.26 -1.66
CA VAL B 150 -32.45 -19.74 -2.46
C VAL B 150 -32.83 -18.35 -2.96
N ASN B 151 -31.97 -17.37 -2.67
CA ASN B 151 -32.12 -16.00 -3.15
C ASN B 151 -33.43 -15.34 -2.72
N GLU B 152 -34.00 -15.77 -1.60
CA GLU B 152 -35.21 -15.12 -1.10
C GLU B 152 -35.35 -15.39 0.39
N ILE B 153 -35.70 -14.35 1.14
CA ILE B 153 -36.07 -14.48 2.54
C ILE B 153 -37.38 -13.76 2.78
N ALA B 154 -38.09 -14.19 3.81
CA ALA B 154 -39.26 -13.49 4.30
C ALA B 154 -39.22 -13.48 5.81
N PHE B 155 -39.78 -12.44 6.40
CA PHE B 155 -39.82 -12.28 7.85
C PHE B 155 -40.85 -11.22 8.21
N PRO B 156 -41.50 -11.35 9.36
CA PRO B 156 -42.52 -10.35 9.73
C PRO B 156 -41.91 -8.97 9.89
N ALA B 157 -42.66 -7.95 9.48
CA ALA B 157 -42.25 -6.58 9.71
C ALA B 157 -42.31 -6.27 11.21
N ASN B 158 -41.40 -5.40 11.65
CA ASN B 158 -41.26 -5.04 13.05
C ASN B 158 -40.99 -6.27 13.91
N THR B 159 -40.29 -7.26 13.36
CA THR B 159 -39.87 -8.44 14.07
C THR B 159 -38.36 -8.59 13.90
N PRO B 160 -37.61 -8.75 14.99
CA PRO B 160 -36.15 -8.87 14.84
C PRO B 160 -35.81 -10.10 14.02
N VAL B 161 -34.78 -9.95 13.18
CA VAL B 161 -34.29 -11.04 12.34
C VAL B 161 -32.81 -11.22 12.66
N TYR B 162 -32.46 -12.43 13.09
CA TYR B 162 -31.10 -12.76 13.51
C TYR B 162 -30.48 -13.61 12.41
N PHE B 163 -29.60 -12.99 11.62
CA PHE B 163 -28.91 -13.66 10.52
C PHE B 163 -27.60 -14.22 11.03
N LYS B 164 -27.45 -15.54 10.98
CA LYS B 164 -26.18 -16.21 11.22
C LYS B 164 -25.58 -16.46 9.84
N VAL B 165 -24.66 -15.59 9.44
CA VAL B 165 -24.17 -15.56 8.06
C VAL B 165 -22.82 -16.26 7.99
N THR B 166 -22.68 -17.13 7.00
CA THR B 166 -21.40 -17.75 6.67
C THR B 166 -21.32 -17.88 5.16
N SER B 167 -20.18 -18.36 4.69
CA SER B 167 -19.96 -18.57 3.27
C SER B 167 -19.61 -20.02 3.01
N ASN B 168 -19.88 -20.47 1.78
CA ASN B 168 -19.53 -21.82 1.38
C ASN B 168 -18.33 -21.88 0.45
N SER B 169 -18.10 -20.84 -0.35
CA SER B 169 -16.97 -20.83 -1.26
C SER B 169 -15.95 -19.75 -0.94
N VAL B 170 -16.35 -18.48 -0.97
CA VAL B 170 -15.44 -17.36 -0.83
C VAL B 170 -16.13 -16.27 -0.03
N MET B 171 -15.40 -15.20 0.26
CA MET B 171 -15.92 -14.14 1.10
C MET B 171 -16.96 -13.32 0.36
N ASN B 172 -18.11 -13.13 0.99
CA ASN B 172 -19.16 -12.27 0.46
C ASN B 172 -19.56 -11.26 1.52
N SER B 173 -20.64 -10.52 1.29
CA SER B 173 -21.15 -9.59 2.29
C SER B 173 -22.67 -9.58 2.21
N PHE B 174 -23.31 -10.07 3.26
CA PHE B 174 -24.77 -10.17 3.27
C PHE B 174 -25.34 -8.78 3.50
N PHE B 175 -25.79 -8.13 2.43
CA PHE B 175 -26.17 -6.74 2.48
C PHE B 175 -27.61 -6.58 2.03
N ILE B 176 -28.44 -6.00 2.88
CA ILE B 176 -29.75 -5.50 2.47
C ILE B 176 -29.69 -3.98 2.60
N PRO B 177 -29.53 -3.25 1.50
CA PRO B 177 -29.27 -1.80 1.62
C PRO B 177 -30.35 -1.04 2.36
N ARG B 178 -31.61 -1.43 2.20
CA ARG B 178 -32.69 -0.68 2.83
C ARG B 178 -32.90 -1.03 4.30
N LEU B 179 -32.18 -2.02 4.83
CA LEU B 179 -32.40 -2.45 6.20
C LEU B 179 -31.25 -2.15 7.15
N GLY B 180 -30.01 -2.21 6.70
CA GLY B 180 -28.91 -1.83 7.57
C GLY B 180 -27.61 -2.53 7.19
N SER B 181 -26.86 -2.92 8.21
CA SER B 181 -25.49 -3.42 8.12
C SER B 181 -25.33 -4.55 7.10
N GLN B 182 -24.12 -4.71 6.58
CA GLN B 182 -23.87 -5.59 5.43
C GLN B 182 -23.01 -6.81 5.75
N ILE B 183 -22.53 -6.94 6.99
CA ILE B 183 -21.74 -8.05 7.55
C ILE B 183 -21.11 -9.04 6.55
N TYR B 184 -19.82 -9.30 6.73
CA TYR B 184 -19.08 -10.16 5.82
C TYR B 184 -19.41 -11.63 6.09
N ALA B 185 -19.70 -12.36 5.02
CA ALA B 185 -19.84 -13.82 5.06
C ALA B 185 -18.51 -14.46 4.74
N MET B 186 -18.08 -15.38 5.61
CA MET B 186 -16.77 -16.01 5.49
C MET B 186 -16.88 -17.51 5.66
N ALA B 187 -16.21 -18.25 4.78
CA ALA B 187 -16.20 -19.71 4.89
C ALA B 187 -15.66 -20.15 6.24
N GLY B 188 -16.40 -21.04 6.91
CA GLY B 188 -15.98 -21.58 8.16
C GLY B 188 -16.16 -20.67 9.36
N MET B 189 -16.80 -19.51 9.18
CA MET B 189 -16.95 -18.53 10.25
C MET B 189 -18.38 -18.02 10.26
N GLN B 190 -19.00 -18.04 11.44
CA GLN B 190 -20.36 -17.55 11.61
C GLN B 190 -20.32 -16.12 12.14
N THR B 191 -20.83 -15.19 11.33
CA THR B 191 -21.05 -13.82 11.75
C THR B 191 -22.51 -13.61 12.12
N ARG B 192 -22.77 -12.61 12.94
CA ARG B 192 -24.11 -12.33 13.42
C ARG B 192 -24.55 -10.95 12.95
N LEU B 193 -25.79 -10.88 12.47
CA LEU B 193 -26.35 -9.61 12.01
C LEU B 193 -27.82 -9.55 12.39
N HIS B 194 -28.18 -8.59 13.25
CA HIS B 194 -29.57 -8.42 13.64
C HIS B 194 -30.16 -7.25 12.86
N LEU B 195 -31.16 -7.55 12.04
CA LEU B 195 -31.86 -6.53 11.26
C LEU B 195 -33.36 -6.67 11.48
N ILE B 196 -34.04 -5.55 11.66
CA ILE B 196 -35.48 -5.51 11.81
C ILE B 196 -36.05 -4.52 10.80
N ALA B 197 -37.10 -4.94 10.10
CA ALA B 197 -37.76 -4.11 9.11
C ALA B 197 -38.97 -3.45 9.75
N ASN B 198 -38.97 -2.12 9.79
CA ASN B 198 -40.06 -1.38 10.42
C ASN B 198 -41.28 -1.26 9.51
N GLU B 199 -41.15 -1.55 8.23
CA GLU B 199 -42.26 -1.45 7.29
C GLU B 199 -42.29 -2.70 6.43
N PRO B 200 -43.47 -3.11 5.98
CA PRO B 200 -43.55 -4.26 5.08
C PRO B 200 -43.06 -3.89 3.68
N GLY B 201 -42.83 -4.93 2.88
CA GLY B 201 -42.41 -4.71 1.51
C GLY B 201 -41.25 -5.57 1.07
N THR B 202 -40.93 -5.56 -0.22
CA THR B 202 -39.84 -6.35 -0.77
C THR B 202 -38.62 -5.46 -0.88
N TYR B 203 -37.56 -5.81 -0.16
CA TYR B 203 -36.33 -5.04 -0.13
C TYR B 203 -35.23 -5.84 -0.82
N ASP B 204 -34.59 -5.23 -1.81
CA ASP B 204 -33.49 -5.90 -2.50
C ASP B 204 -32.32 -6.12 -1.55
N GLY B 205 -31.70 -7.28 -1.67
CA GLY B 205 -30.47 -7.56 -0.96
C GLY B 205 -29.44 -8.10 -1.93
N ILE B 206 -28.18 -7.79 -1.65
CA ILE B 206 -27.09 -8.10 -2.57
C ILE B 206 -25.91 -8.63 -1.77
N SER B 207 -24.98 -9.24 -2.49
CA SER B 207 -23.65 -9.49 -1.97
C SER B 207 -22.81 -8.24 -2.18
N ALA B 208 -22.26 -7.70 -1.10
CA ALA B 208 -21.49 -6.47 -1.19
C ALA B 208 -19.99 -6.71 -1.27
N SER B 209 -19.55 -7.96 -1.34
CA SER B 209 -18.15 -8.27 -1.54
C SER B 209 -18.02 -9.13 -2.79
N TYR B 210 -17.10 -8.75 -3.68
CA TYR B 210 -16.96 -9.45 -4.95
C TYR B 210 -16.53 -10.89 -4.71
N SER B 211 -17.20 -11.83 -5.39
CA SER B 211 -16.97 -13.24 -5.18
C SER B 211 -16.63 -14.02 -6.45
N GLY B 212 -16.87 -13.47 -7.64
CA GLY B 212 -16.52 -14.16 -8.85
C GLY B 212 -17.35 -13.74 -10.04
N PRO B 213 -17.31 -14.54 -11.11
CA PRO B 213 -18.03 -14.16 -12.33
C PRO B 213 -19.52 -13.94 -12.14
N GLY B 214 -20.17 -14.76 -11.31
CA GLY B 214 -21.58 -14.61 -11.06
C GLY B 214 -21.92 -13.66 -9.93
N PHE B 215 -20.96 -12.88 -9.45
CA PHE B 215 -21.20 -11.99 -8.33
C PHE B 215 -22.31 -10.98 -8.61
N SER B 216 -22.45 -10.55 -9.87
CA SER B 216 -23.51 -9.63 -10.21
C SER B 216 -24.90 -10.23 -10.04
N GLY B 217 -24.99 -11.56 -10.00
CA GLY B 217 -26.26 -12.24 -9.84
C GLY B 217 -26.57 -12.74 -8.44
N MET B 218 -25.84 -12.29 -7.43
CA MET B 218 -26.13 -12.69 -6.05
C MET B 218 -27.14 -11.73 -5.44
N LYS B 219 -28.24 -11.54 -6.15
CA LYS B 219 -29.30 -10.62 -5.74
C LYS B 219 -30.48 -11.43 -5.22
N PHE B 220 -30.82 -11.22 -3.95
CA PHE B 220 -31.97 -11.84 -3.33
C PHE B 220 -32.99 -10.76 -2.95
N LYS B 221 -34.14 -11.23 -2.48
CA LYS B 221 -35.20 -10.34 -2.03
C LYS B 221 -35.55 -10.69 -0.60
N ALA B 222 -35.92 -9.67 0.18
CA ALA B 222 -36.33 -9.85 1.57
C ALA B 222 -37.74 -9.31 1.67
N ILE B 223 -38.71 -10.20 1.86
CA ILE B 223 -40.11 -9.81 1.92
C ILE B 223 -40.46 -9.62 3.39
N ALA B 224 -40.48 -8.37 3.82
CA ALA B 224 -40.97 -8.02 5.15
C ALA B 224 -42.48 -8.12 5.10
N THR B 225 -43.00 -9.27 5.53
CA THR B 225 -44.43 -9.52 5.48
C THR B 225 -45.15 -8.59 6.45
N PRO B 226 -46.40 -8.21 6.14
CA PRO B 226 -47.11 -7.27 7.02
C PRO B 226 -47.30 -7.78 8.44
N ASP B 227 -47.45 -9.09 8.63
CA ASP B 227 -47.69 -9.64 9.95
C ASP B 227 -47.23 -11.09 9.98
N ARG B 228 -47.42 -11.72 11.15
CA ARG B 228 -47.03 -13.12 11.31
C ARG B 228 -47.83 -14.03 10.38
N ALA B 229 -49.07 -13.66 10.06
CA ALA B 229 -49.90 -14.52 9.23
C ALA B 229 -49.34 -14.66 7.82
N ALA B 230 -48.89 -13.54 7.23
CA ALA B 230 -48.31 -13.60 5.89
C ALA B 230 -47.00 -14.38 5.89
N PHE B 231 -46.18 -14.19 6.93
CA PHE B 231 -44.96 -14.97 7.04
C PHE B 231 -45.24 -16.45 7.18
N ASP B 232 -46.28 -16.82 7.94
CA ASP B 232 -46.64 -18.22 8.07
C ASP B 232 -47.16 -18.78 6.75
N GLN B 233 -47.90 -17.97 5.99
CA GLN B 233 -48.33 -18.40 4.67
C GLN B 233 -47.14 -18.63 3.75
N TRP B 234 -46.14 -17.75 3.81
CA TRP B 234 -44.94 -17.94 3.01
C TRP B 234 -44.20 -19.21 3.44
N VAL B 235 -44.14 -19.46 4.75
CA VAL B 235 -43.50 -20.68 5.25
C VAL B 235 -44.25 -21.90 4.75
N ALA B 236 -45.58 -21.86 4.78
CA ALA B 236 -46.37 -22.99 4.27
C ALA B 236 -46.15 -23.19 2.78
N LYS B 237 -46.07 -22.10 2.02
CA LYS B 237 -45.80 -22.21 0.59
C LYS B 237 -44.45 -22.86 0.35
N ALA B 238 -43.44 -22.49 1.16
CA ALA B 238 -42.14 -23.13 1.04
C ALA B 238 -42.20 -24.60 1.45
N LYS B 239 -42.99 -24.92 2.47
CA LYS B 239 -43.19 -26.31 2.85
C LYS B 239 -43.85 -27.11 1.75
N GLN B 240 -44.61 -26.46 0.87
CA GLN B 240 -45.21 -27.14 -0.28
C GLN B 240 -44.21 -27.26 -1.42
N SER B 241 -43.01 -27.73 -1.10
CA SER B 241 -41.94 -27.86 -2.08
C SER B 241 -41.59 -29.33 -2.28
N PRO B 242 -41.58 -29.82 -3.51
CA PRO B 242 -41.29 -31.24 -3.74
C PRO B 242 -39.90 -31.65 -3.27
N ASN B 243 -38.92 -30.76 -3.38
CA ASN B 243 -37.55 -31.08 -3.03
C ASN B 243 -37.24 -30.67 -1.60
N THR B 244 -36.25 -31.34 -1.02
CA THR B 244 -35.84 -31.13 0.35
C THR B 244 -34.34 -30.90 0.42
N MET B 245 -33.87 -30.57 1.62
CA MET B 245 -32.46 -30.43 1.93
C MET B 245 -32.07 -31.41 3.03
N SER B 246 -32.63 -32.62 2.96
CA SER B 246 -32.51 -33.58 4.04
C SER B 246 -31.06 -33.97 4.34
N ASP B 247 -30.20 -33.95 3.33
CA ASP B 247 -28.84 -34.46 3.46
C ASP B 247 -27.85 -33.40 3.02
N MET B 248 -26.56 -33.68 3.20
CA MET B 248 -25.51 -32.77 2.76
C MET B 248 -25.24 -32.88 1.27
N ALA B 249 -25.61 -34.01 0.65
CA ALA B 249 -25.44 -34.14 -0.80
C ALA B 249 -26.33 -33.18 -1.55
N ALA B 250 -27.52 -32.89 -1.01
CA ALA B 250 -28.38 -31.89 -1.64
C ALA B 250 -27.78 -30.50 -1.55
N PHE B 251 -27.16 -30.18 -0.41
CA PHE B 251 -26.47 -28.90 -0.28
C PHE B 251 -25.31 -28.81 -1.26
N GLU B 252 -24.57 -29.91 -1.44
CA GLU B 252 -23.45 -29.87 -2.36
C GLU B 252 -23.91 -29.75 -3.81
N LYS B 253 -25.00 -30.45 -4.17
CA LYS B 253 -25.59 -30.27 -5.49
C LYS B 253 -26.03 -28.82 -5.69
N LEU B 254 -26.66 -28.23 -4.68
CA LEU B 254 -27.06 -26.83 -4.77
C LEU B 254 -25.85 -25.91 -4.83
N ALA B 255 -24.77 -26.28 -4.14
CA ALA B 255 -23.55 -25.48 -4.11
C ALA B 255 -22.77 -25.54 -5.41
N ALA B 256 -23.23 -26.27 -6.41
CA ALA B 256 -22.54 -26.30 -7.69
C ALA B 256 -22.56 -24.91 -8.30
N PRO B 257 -21.50 -24.52 -9.02
CA PRO B 257 -21.44 -23.16 -9.56
C PRO B 257 -22.56 -22.84 -10.54
N SER B 258 -23.42 -21.90 -10.16
CA SER B 258 -24.46 -21.36 -11.03
C SER B 258 -24.64 -19.89 -10.69
N GLU B 259 -24.75 -19.05 -11.70
CA GLU B 259 -24.64 -17.61 -11.50
C GLU B 259 -25.98 -16.97 -11.13
N TYR B 260 -26.94 -17.01 -12.04
CA TYR B 260 -28.22 -16.34 -11.86
C TYR B 260 -29.28 -17.36 -11.46
N ASN B 261 -29.21 -17.78 -10.20
CA ASN B 261 -30.18 -18.74 -9.69
C ASN B 261 -31.54 -18.11 -9.53
N GLN B 262 -32.58 -18.94 -9.65
CA GLN B 262 -33.95 -18.52 -9.41
C GLN B 262 -34.36 -18.93 -8.00
N VAL B 263 -35.38 -18.24 -7.48
CA VAL B 263 -35.87 -18.56 -6.14
C VAL B 263 -36.36 -20.00 -6.12
N GLU B 264 -35.94 -20.73 -5.10
CA GLU B 264 -36.27 -22.14 -4.97
C GLU B 264 -36.45 -22.46 -3.49
N TYR B 265 -37.45 -23.27 -3.18
CA TYR B 265 -37.78 -23.61 -1.81
C TYR B 265 -37.54 -25.08 -1.54
N PHE B 266 -37.22 -25.39 -0.28
CA PHE B 266 -37.02 -26.74 0.20
C PHE B 266 -37.80 -26.90 1.48
N SER B 267 -38.59 -27.97 1.56
CA SER B 267 -39.58 -28.10 2.63
C SER B 267 -38.91 -28.26 3.99
N ASN B 268 -37.97 -29.19 4.12
CA ASN B 268 -37.31 -29.42 5.39
C ASN B 268 -35.81 -29.52 5.16
N VAL B 269 -35.06 -29.28 6.24
CA VAL B 269 -33.61 -29.20 6.18
C VAL B 269 -33.03 -30.14 7.22
N LYS B 270 -31.75 -30.43 7.06
CA LYS B 270 -31.03 -31.14 8.09
C LYS B 270 -31.03 -30.30 9.37
N PRO B 271 -31.23 -30.91 10.54
CA PRO B 271 -31.43 -30.10 11.76
C PRO B 271 -30.30 -29.13 12.04
N ASP B 272 -29.06 -29.49 11.73
CA ASP B 272 -27.91 -28.62 11.92
C ASP B 272 -27.12 -28.48 10.63
N LEU B 273 -27.84 -28.18 9.54
CA LEU B 273 -27.18 -28.03 8.24
C LEU B 273 -26.19 -26.88 8.27
N PHE B 274 -26.58 -25.73 8.85
CA PHE B 274 -25.69 -24.58 8.91
C PHE B 274 -24.43 -24.91 9.68
N ALA B 275 -24.57 -25.58 10.82
CA ALA B 275 -23.40 -26.02 11.57
C ALA B 275 -22.54 -26.96 10.74
N ASP B 276 -23.16 -27.87 10.00
CA ASP B 276 -22.40 -28.78 9.14
C ASP B 276 -21.73 -28.02 8.00
N VAL B 277 -22.40 -27.01 7.45
CA VAL B 277 -21.80 -26.20 6.39
C VAL B 277 -20.54 -25.53 6.91
N ILE B 278 -20.58 -24.98 8.13
CA ILE B 278 -19.39 -24.37 8.69
C ILE B 278 -18.33 -25.42 9.00
N ASN B 279 -18.74 -26.57 9.57
CA ASN B 279 -17.82 -27.62 9.93
C ASN B 279 -17.16 -28.28 8.74
N LYS B 280 -17.67 -28.06 7.53
CA LYS B 280 -16.95 -28.48 6.34
C LYS B 280 -15.54 -27.91 6.32
N PHE B 281 -15.34 -26.73 6.91
CA PHE B 281 -14.05 -26.06 6.92
C PHE B 281 -13.34 -26.19 8.26
N MET B 282 -14.06 -26.00 9.37
CA MET B 282 -13.44 -26.17 10.68
C MET B 282 -13.16 -27.63 11.01
N ALA B 283 -13.65 -28.56 10.20
CA ALA B 283 -13.43 -30.00 10.40
C ALA B 283 -13.86 -30.45 11.80
N GLY C 22 30.33 6.42 2.07
CA GLY C 22 30.94 5.98 3.31
C GLY C 22 29.94 5.47 4.31
N GLY C 23 29.62 6.29 5.30
CA GLY C 23 28.62 5.90 6.29
C GLY C 23 27.19 5.96 5.78
N THR C 24 26.96 6.57 4.61
CA THR C 24 25.63 6.60 4.05
C THR C 24 25.15 5.20 3.68
N LYS C 25 26.03 4.37 3.14
CA LYS C 25 25.65 3.00 2.83
C LYS C 25 25.30 2.22 4.09
N ILE C 26 26.05 2.44 5.16
CA ILE C 26 25.76 1.76 6.41
C ILE C 26 24.43 2.22 6.99
N PHE C 27 24.14 3.52 6.91
CA PHE C 27 22.87 4.02 7.42
C PHE C 27 21.70 3.50 6.58
N GLY C 28 21.87 3.44 5.25
CA GLY C 28 20.82 2.91 4.42
C GLY C 28 20.59 1.43 4.63
N PHE C 29 21.66 0.68 4.89
CA PHE C 29 21.46 -0.73 5.21
C PHE C 29 20.81 -0.90 6.57
N TRP C 30 21.07 0.01 7.51
CA TRP C 30 20.35 -0.03 8.78
C TRP C 30 18.86 0.21 8.57
N ILE C 31 18.51 1.16 7.71
CA ILE C 31 17.10 1.41 7.44
C ILE C 31 16.47 0.22 6.72
N TYR C 32 17.22 -0.44 5.84
CA TYR C 32 16.69 -1.66 5.24
C TYR C 32 16.53 -2.77 6.26
N LEU C 33 17.43 -2.87 7.24
CA LEU C 33 17.23 -3.82 8.32
C LEU C 33 16.01 -3.48 9.14
N MET C 34 15.66 -2.20 9.24
CA MET C 34 14.40 -1.83 9.86
C MET C 34 13.21 -2.29 9.02
N SER C 35 13.33 -2.20 7.70
CA SER C 35 12.27 -2.72 6.84
C SER C 35 12.13 -4.23 7.01
N ASP C 36 13.25 -4.93 7.14
CA ASP C 36 13.21 -6.37 7.40
C ASP C 36 12.71 -6.67 8.80
N CYS C 37 12.93 -5.78 9.76
CA CYS C 37 12.28 -5.91 11.05
C CYS C 37 10.78 -5.86 10.91
N ILE C 38 10.28 -4.97 10.05
CA ILE C 38 8.84 -4.94 9.79
C ILE C 38 8.38 -6.22 9.12
N LEU C 39 9.17 -6.74 8.18
CA LEU C 39 8.83 -7.98 7.50
C LEU C 39 8.73 -9.15 8.48
N PHE C 40 9.72 -9.26 9.36
CA PHE C 40 9.70 -10.32 10.36
C PHE C 40 8.58 -10.11 11.37
N SER C 41 8.26 -8.86 11.70
CA SER C 41 7.13 -8.62 12.58
C SER C 41 5.83 -9.08 11.95
N ILE C 42 5.68 -8.88 10.64
CA ILE C 42 4.49 -9.36 9.95
C ILE C 42 4.45 -10.89 9.98
N LEU C 43 5.59 -11.55 9.76
CA LEU C 43 5.61 -13.01 9.84
C LEU C 43 5.34 -13.50 11.25
N PHE C 44 5.78 -12.76 12.25
CA PHE C 44 5.50 -13.10 13.65
C PHE C 44 4.03 -12.95 13.96
N ALA C 45 3.39 -11.90 13.43
CA ALA C 45 1.96 -11.75 13.60
C ALA C 45 1.21 -12.90 12.95
N THR C 46 1.64 -13.32 11.76
CA THR C 46 0.99 -14.45 11.11
C THR C 46 1.17 -15.72 11.92
N TYR C 47 2.36 -15.94 12.47
CA TYR C 47 2.58 -17.13 13.30
C TYR C 47 1.74 -17.08 14.55
N ALA C 48 1.66 -15.91 15.19
CA ALA C 48 0.86 -15.79 16.40
C ALA C 48 -0.62 -15.99 16.12
N VAL C 49 -1.09 -15.59 14.94
CA VAL C 49 -2.48 -15.81 14.57
C VAL C 49 -2.74 -17.30 14.32
N LEU C 50 -1.84 -17.95 13.58
CA LEU C 50 -2.09 -19.31 13.10
C LEU C 50 -1.44 -20.39 13.96
N VAL C 51 -0.90 -20.03 15.13
CA VAL C 51 -0.24 -21.03 15.98
C VAL C 51 -1.23 -22.11 16.43
N ASN C 52 -2.46 -21.70 16.75
CA ASN C 52 -3.49 -22.65 17.14
C ASN C 52 -4.32 -23.11 15.96
N GLY C 53 -3.90 -22.77 14.74
CA GLY C 53 -4.59 -23.19 13.54
C GLY C 53 -4.24 -24.61 13.13
N THR C 54 -3.76 -25.41 14.08
CA THR C 54 -3.50 -26.82 13.80
C THR C 54 -4.79 -27.52 13.40
N ALA C 55 -4.72 -28.33 12.36
CA ALA C 55 -5.88 -29.04 11.84
C ALA C 55 -5.62 -30.55 12.01
N GLY C 56 -5.89 -31.06 13.21
CA GLY C 56 -5.70 -32.47 13.47
C GLY C 56 -4.29 -32.96 13.32
N GLY C 57 -3.31 -32.06 13.36
CA GLY C 57 -1.93 -32.43 13.16
C GLY C 57 -1.04 -32.06 14.33
N PRO C 58 0.21 -31.72 14.04
CA PRO C 58 1.14 -31.34 15.11
C PRO C 58 0.66 -30.12 15.86
N THR C 59 0.88 -30.13 17.17
CA THR C 59 0.54 -29.01 18.03
C THR C 59 1.75 -28.17 18.40
N GLY C 60 2.87 -28.36 17.74
CA GLY C 60 4.09 -27.65 18.09
C GLY C 60 4.90 -28.25 19.22
N LYS C 61 4.24 -28.57 20.34
CA LYS C 61 4.94 -29.17 21.46
C LYS C 61 5.49 -30.55 21.13
N ASP C 62 4.97 -31.21 20.10
CA ASP C 62 5.39 -32.55 19.76
C ASP C 62 6.37 -32.60 18.59
N ILE C 63 6.77 -31.45 18.04
CA ILE C 63 7.67 -31.43 16.90
C ILE C 63 8.90 -30.55 17.12
N PHE C 64 8.88 -29.62 18.07
CA PHE C 64 9.92 -28.59 18.12
C PHE C 64 11.26 -29.16 18.57
N GLU C 65 11.26 -30.14 19.47
CA GLU C 65 12.50 -30.81 19.89
C GLU C 65 13.52 -29.82 20.40
N LEU C 66 13.24 -29.17 21.54
CA LEU C 66 13.96 -28.00 22.02
C LEU C 66 15.48 -28.14 22.15
N PRO C 67 16.03 -29.34 22.42
CA PRO C 67 17.50 -29.47 22.33
C PRO C 67 18.06 -29.03 20.97
N PHE C 68 17.34 -29.35 19.91
CA PHE C 68 17.71 -28.89 18.58
C PHE C 68 17.76 -27.37 18.53
N VAL C 69 16.75 -26.72 19.09
CA VAL C 69 16.71 -25.26 19.10
C VAL C 69 17.84 -24.68 19.93
N LEU C 70 18.17 -25.33 21.05
CA LEU C 70 19.24 -24.84 21.91
C LEU C 70 20.58 -24.90 21.20
N VAL C 71 20.89 -26.05 20.56
CA VAL C 71 22.16 -26.15 19.86
C VAL C 71 22.19 -25.20 18.67
N GLU C 72 21.06 -25.00 18.01
CA GLU C 72 21.01 -24.07 16.88
C GLU C 72 21.23 -22.62 17.33
N THR C 73 20.60 -22.24 18.44
CA THR C 73 20.80 -20.90 18.98
C THR C 73 22.25 -20.70 19.38
N PHE C 74 22.86 -21.71 19.98
CA PHE C 74 24.28 -21.64 20.28
C PHE C 74 25.11 -21.46 19.02
N LEU C 75 24.76 -22.18 17.95
CA LEU C 75 25.51 -22.07 16.71
C LEU C 75 25.41 -20.67 16.12
N LEU C 76 24.21 -20.09 16.11
CA LEU C 76 24.04 -18.77 15.53
C LEU C 76 24.68 -17.69 16.40
N LEU C 77 24.61 -17.85 17.73
CA LEU C 77 25.31 -16.93 18.61
C LEU C 77 26.83 -17.00 18.40
N PHE C 78 27.35 -18.22 18.20
CA PHE C 78 28.77 -18.35 17.89
C PHE C 78 29.11 -17.68 16.57
N SER C 79 28.22 -17.80 15.58
CA SER C 79 28.44 -17.10 14.32
C SER C 79 28.49 -15.59 14.51
N SER C 80 27.58 -15.07 15.32
CA SER C 80 27.57 -13.63 15.60
C SER C 80 28.84 -13.20 16.31
N ILE C 81 29.30 -14.00 17.28
CA ILE C 81 30.52 -13.67 18.01
C ILE C 81 31.73 -13.70 17.10
N THR C 82 31.80 -14.70 16.22
CA THR C 82 32.93 -14.78 15.30
C THR C 82 32.91 -13.62 14.32
N TYR C 83 31.73 -13.20 13.87
CA TYR C 83 31.66 -12.02 13.02
C TYR C 83 32.08 -10.77 13.77
N GLY C 84 31.70 -10.65 15.04
CA GLY C 84 32.15 -9.52 15.83
C GLY C 84 33.66 -9.49 15.97
N MET C 85 34.26 -10.66 16.17
CA MET C 85 35.72 -10.75 16.20
C MET C 85 36.30 -10.35 14.85
N ALA C 86 35.66 -10.75 13.75
CA ALA C 86 36.11 -10.34 12.43
C ALA C 86 36.06 -8.83 12.28
N ALA C 87 35.00 -8.21 12.80
CA ALA C 87 34.87 -6.76 12.70
C ALA C 87 35.94 -6.04 13.51
N ILE C 88 36.18 -6.49 14.75
CA ILE C 88 37.21 -5.84 15.55
C ILE C 88 38.59 -6.08 14.96
N ALA C 89 38.78 -7.21 14.27
CA ALA C 89 40.02 -7.42 13.53
C ALA C 89 40.08 -6.61 12.26
N MET C 90 38.92 -6.17 11.74
CA MET C 90 38.87 -5.28 10.60
C MET C 90 39.21 -3.85 10.99
N TYR C 91 38.85 -3.45 12.21
CA TYR C 91 39.31 -2.15 12.70
C TYR C 91 40.83 -2.08 12.70
N LYS C 92 41.49 -3.13 13.18
CA LYS C 92 42.91 -3.27 12.96
C LYS C 92 43.17 -3.63 11.49
N ASN C 93 44.34 -3.26 10.99
CA ASN C 93 44.68 -3.54 9.59
C ASN C 93 45.37 -4.90 9.52
N ASN C 94 44.55 -5.95 9.58
CA ASN C 94 45.02 -7.33 9.47
C ASN C 94 44.07 -8.09 8.56
N LYS C 95 44.51 -8.31 7.31
CA LYS C 95 43.67 -8.99 6.34
C LYS C 95 43.47 -10.46 6.69
N SER C 96 44.51 -11.13 7.16
CA SER C 96 44.46 -12.58 7.32
C SER C 96 43.46 -12.99 8.40
N GLN C 97 43.53 -12.37 9.57
CA GLN C 97 42.65 -12.80 10.66
C GLN C 97 41.20 -12.42 10.39
N VAL C 98 40.96 -11.33 9.65
CA VAL C 98 39.60 -11.01 9.23
C VAL C 98 39.03 -12.13 8.38
N ILE C 99 39.82 -12.62 7.42
CA ILE C 99 39.36 -13.72 6.57
C ILE C 99 39.15 -14.98 7.39
N SER C 100 40.03 -15.24 8.36
CA SER C 100 39.88 -16.43 9.18
C SER C 100 38.60 -16.39 10.01
N TRP C 101 38.36 -15.28 10.69
CA TRP C 101 37.14 -15.16 11.48
C TRP C 101 35.90 -15.17 10.59
N LEU C 102 36.00 -14.60 9.38
CA LEU C 102 34.87 -14.63 8.47
C LEU C 102 34.58 -16.05 7.99
N ALA C 103 35.62 -16.84 7.75
CA ALA C 103 35.42 -18.24 7.39
C ALA C 103 34.80 -19.02 8.54
N LEU C 104 35.22 -18.73 9.77
CA LEU C 104 34.60 -19.39 10.92
C LEU C 104 33.13 -19.01 11.04
N THR C 105 32.82 -17.73 10.84
CA THR C 105 31.41 -17.28 10.87
C THR C 105 30.61 -17.97 9.77
N TRP C 106 31.19 -18.09 8.57
CA TRP C 106 30.49 -18.75 7.49
C TRP C 106 30.27 -20.22 7.80
N LEU C 107 31.24 -20.88 8.43
CA LEU C 107 31.06 -22.27 8.82
C LEU C 107 29.93 -22.41 9.84
N PHE C 108 29.88 -21.52 10.83
CA PHE C 108 28.80 -21.57 11.81
C PHE C 108 27.45 -21.34 11.15
N GLY C 109 27.36 -20.36 10.26
CA GLY C 109 26.11 -20.10 9.56
C GLY C 109 25.71 -21.23 8.64
N ALA C 110 26.68 -21.87 8.00
CA ALA C 110 26.38 -23.03 7.15
C ALA C 110 25.86 -24.19 7.99
N GLY C 111 26.45 -24.40 9.16
CA GLY C 111 25.92 -25.40 10.07
C GLY C 111 24.50 -25.09 10.49
N PHE C 112 24.24 -23.82 10.81
CA PHE C 112 22.88 -23.38 11.14
C PHE C 112 21.90 -23.70 10.01
N ILE C 113 22.27 -23.34 8.78
CA ILE C 113 21.37 -23.51 7.65
C ILE C 113 21.17 -24.99 7.33
N GLY C 114 22.24 -25.78 7.35
CA GLY C 114 22.10 -27.20 7.12
C GLY C 114 21.33 -27.91 8.22
N MET C 115 21.39 -27.39 9.44
CA MET C 115 20.61 -27.97 10.53
C MET C 115 19.13 -27.62 10.39
N GLU C 116 18.82 -26.44 9.90
CA GLU C 116 17.43 -26.10 9.65
C GLU C 116 16.88 -26.78 8.40
N ILE C 117 17.75 -27.07 7.42
CA ILE C 117 17.32 -27.89 6.30
C ILE C 117 17.11 -29.32 6.75
N TYR C 118 17.90 -29.81 7.70
CA TYR C 118 17.68 -31.13 8.29
C TYR C 118 16.33 -31.19 9.00
N GLU C 119 16.02 -30.19 9.83
CA GLU C 119 14.74 -30.17 10.54
C GLU C 119 13.58 -30.06 9.57
N PHE C 120 13.70 -29.17 8.59
CA PHE C 120 12.62 -29.00 7.61
C PHE C 120 12.43 -30.25 6.77
N HIS C 121 13.52 -30.94 6.43
CA HIS C 121 13.41 -32.21 5.73
C HIS C 121 12.69 -33.24 6.58
N HIS C 122 13.03 -33.32 7.86
CA HIS C 122 12.37 -34.28 8.74
C HIS C 122 10.88 -33.99 8.83
N LEU C 123 10.51 -32.71 8.88
CA LEU C 123 9.09 -32.37 8.88
C LEU C 123 8.44 -32.69 7.54
N ILE C 124 9.13 -32.41 6.43
CA ILE C 124 8.54 -32.54 5.10
C ILE C 124 8.33 -34.00 4.73
N VAL C 125 9.30 -34.86 5.04
CA VAL C 125 9.18 -36.27 4.67
C VAL C 125 7.96 -36.90 5.35
N ASN C 126 7.77 -36.61 6.64
CA ASN C 126 6.55 -36.99 7.34
C ASN C 126 5.38 -36.16 6.81
N GLY C 127 4.17 -36.46 7.28
CA GLY C 127 3.03 -35.68 6.83
C GLY C 127 2.97 -34.29 7.41
N MET C 128 3.94 -33.90 8.22
CA MET C 128 3.93 -32.62 8.94
C MET C 128 4.62 -31.52 8.14
N GLY C 129 4.18 -31.33 6.89
CA GLY C 129 4.74 -30.29 6.05
C GLY C 129 3.97 -28.99 6.18
N PRO C 130 4.42 -27.96 5.45
CA PRO C 130 3.69 -26.68 5.48
C PRO C 130 2.26 -26.80 4.99
N ASP C 131 1.99 -27.70 4.06
CA ASP C 131 0.63 -27.89 3.55
C ASP C 131 -0.24 -28.73 4.48
N ARG C 132 0.32 -29.25 5.57
CA ARG C 132 -0.46 -30.06 6.48
C ARG C 132 -1.50 -29.23 7.23
N SER C 133 -1.09 -28.07 7.74
CA SER C 133 -1.98 -27.24 8.53
C SER C 133 -1.50 -25.80 8.48
N GLY C 134 -2.36 -24.89 8.94
CA GLY C 134 -1.99 -23.49 8.96
C GLY C 134 -0.87 -23.20 9.93
N PHE C 135 -0.84 -23.89 11.08
CA PHE C 135 0.24 -23.68 12.03
C PHE C 135 1.58 -24.08 11.43
N LEU C 136 1.62 -25.21 10.72
CA LEU C 136 2.87 -25.63 10.11
C LEU C 136 3.26 -24.71 8.96
N SER C 137 2.28 -24.20 8.21
CA SER C 137 2.60 -23.24 7.17
C SER C 137 3.20 -21.96 7.76
N ALA C 138 2.65 -21.48 8.87
CA ALA C 138 3.20 -20.26 9.48
C ALA C 138 4.57 -20.52 10.09
N PHE C 139 4.75 -21.68 10.73
CA PHE C 139 6.06 -22.04 11.24
C PHE C 139 7.08 -22.10 10.13
N PHE C 140 6.73 -22.72 9.00
CA PHE C 140 7.64 -22.81 7.88
C PHE C 140 7.94 -21.43 7.32
N ALA C 141 6.92 -20.57 7.20
CA ALA C 141 7.16 -19.23 6.69
C ALA C 141 8.14 -18.48 7.56
N LEU C 142 7.89 -18.41 8.87
CA LEU C 142 8.76 -17.64 9.74
C LEU C 142 10.16 -18.21 9.81
N VAL C 143 10.28 -19.51 10.07
CA VAL C 143 11.60 -20.09 10.29
C VAL C 143 12.37 -20.21 8.99
N GLY C 144 11.72 -20.59 7.88
CA GLY C 144 12.39 -20.61 6.59
C GLY C 144 12.68 -19.25 6.02
N THR C 145 11.94 -18.21 6.43
CA THR C 145 12.30 -16.86 6.02
C THR C 145 13.55 -16.40 6.75
N HIS C 146 13.62 -16.67 8.06
CA HIS C 146 14.87 -16.41 8.76
C HIS C 146 16.01 -17.23 8.17
N GLY C 147 15.71 -18.48 7.78
CA GLY C 147 16.73 -19.31 7.17
C GLY C 147 17.20 -18.78 5.82
N LEU C 148 16.27 -18.26 5.01
CA LEU C 148 16.65 -17.66 3.75
C LEU C 148 17.42 -16.36 3.96
N HIS C 149 17.12 -15.62 5.02
CA HIS C 149 17.92 -14.45 5.33
C HIS C 149 19.34 -14.85 5.73
N VAL C 150 19.47 -15.91 6.52
CA VAL C 150 20.79 -16.37 6.91
C VAL C 150 21.55 -16.93 5.71
N THR C 151 20.85 -17.60 4.80
CA THR C 151 21.49 -18.13 3.60
C THR C 151 21.95 -17.00 2.68
N SER C 152 21.13 -15.96 2.54
CA SER C 152 21.56 -14.79 1.78
C SER C 152 22.74 -14.11 2.44
N GLY C 153 22.75 -14.07 3.79
CA GLY C 153 23.91 -13.53 4.48
C GLY C 153 25.14 -14.39 4.29
N LEU C 154 24.96 -15.70 4.14
CA LEU C 154 26.09 -16.59 3.88
C LEU C 154 26.63 -16.40 2.47
N ILE C 155 25.75 -16.24 1.49
CA ILE C 155 26.20 -15.94 0.14
C ILE C 155 26.94 -14.61 0.11
N TRP C 156 26.38 -13.62 0.79
CA TRP C 156 27.03 -12.31 0.90
C TRP C 156 28.38 -12.45 1.58
N MET C 157 28.48 -13.29 2.60
CA MET C 157 29.73 -13.46 3.33
C MET C 157 30.77 -14.15 2.45
N ALA C 158 30.36 -15.13 1.65
CA ALA C 158 31.28 -15.77 0.73
C ALA C 158 31.80 -14.77 -0.30
N VAL C 159 30.90 -13.97 -0.86
CA VAL C 159 31.32 -12.98 -1.84
C VAL C 159 32.23 -11.94 -1.19
N LEU C 160 31.95 -11.55 0.05
CA LEU C 160 32.78 -10.58 0.75
C LEU C 160 34.15 -11.16 1.08
N MET C 161 34.21 -12.45 1.42
CA MET C 161 35.51 -13.09 1.63
C MET C 161 36.32 -13.11 0.34
N VAL C 162 35.68 -13.43 -0.78
CA VAL C 162 36.39 -13.44 -2.06
C VAL C 162 36.89 -12.05 -2.40
N GLN C 163 36.05 -11.02 -2.19
CA GLN C 163 36.44 -9.67 -2.52
C GLN C 163 37.54 -9.14 -1.60
N ILE C 164 37.49 -9.52 -0.32
CA ILE C 164 38.56 -9.13 0.61
C ILE C 164 39.86 -9.81 0.22
N ALA C 165 39.80 -11.09 -0.14
CA ALA C 165 41.02 -11.77 -0.58
C ALA C 165 41.59 -11.13 -1.84
N ARG C 166 40.73 -10.74 -2.77
CA ARG C 166 41.21 -10.19 -4.04
C ARG C 166 41.75 -8.77 -3.87
N ARG C 167 41.06 -7.93 -3.11
CA ARG C 167 41.37 -6.51 -3.04
C ARG C 167 41.78 -6.02 -1.66
N GLY C 168 41.70 -6.84 -0.62
CA GLY C 168 42.09 -6.40 0.69
C GLY C 168 41.00 -5.60 1.39
N LEU C 169 41.34 -5.09 2.56
CA LEU C 169 40.41 -4.32 3.38
C LEU C 169 40.32 -2.88 2.87
N THR C 170 39.86 -2.74 1.64
CA THR C 170 39.70 -1.44 1.03
C THR C 170 38.44 -0.77 1.56
N SER C 171 38.36 0.55 1.33
CA SER C 171 37.24 1.34 1.85
C SER C 171 35.89 0.75 1.48
N THR C 172 35.76 0.27 0.23
CA THR C 172 34.51 -0.36 -0.18
C THR C 172 34.22 -1.62 0.63
N ASN C 173 35.25 -2.42 0.90
CA ASN C 173 35.06 -3.67 1.63
C ASN C 173 34.86 -3.45 3.13
N ARG C 174 35.41 -2.38 3.69
CA ARG C 174 35.14 -2.09 5.10
C ARG C 174 33.68 -1.71 5.30
N THR C 175 33.13 -0.91 4.37
CA THR C 175 31.71 -0.60 4.43
C THR C 175 30.86 -1.85 4.28
N ARG C 176 31.24 -2.74 3.37
CA ARG C 176 30.52 -4.00 3.23
C ARG C 176 30.65 -4.87 4.47
N ILE C 177 31.82 -4.84 5.11
CA ILE C 177 32.00 -5.57 6.35
C ILE C 177 31.04 -5.05 7.41
N MET C 178 30.94 -3.73 7.55
CA MET C 178 30.03 -3.15 8.53
C MET C 178 28.57 -3.46 8.20
N CYS C 179 28.20 -3.38 6.92
CA CYS C 179 26.83 -3.68 6.53
C CYS C 179 26.47 -5.13 6.82
N LEU C 180 27.36 -6.05 6.48
CA LEU C 180 27.08 -7.46 6.75
C LEU C 180 27.13 -7.76 8.24
N SER C 181 27.91 -7.00 9.02
CA SER C 181 27.87 -7.13 10.47
C SER C 181 26.49 -6.74 10.99
N LEU C 182 25.97 -5.62 10.52
CA LEU C 182 24.62 -5.21 10.89
C LEU C 182 23.62 -6.30 10.51
N PHE C 183 23.75 -6.83 9.30
CA PHE C 183 22.83 -7.87 8.83
C PHE C 183 22.90 -9.11 9.71
N TRP C 184 24.11 -9.55 10.05
CA TRP C 184 24.27 -10.79 10.79
C TRP C 184 23.79 -10.64 12.23
N HIS C 185 24.14 -9.55 12.89
CA HIS C 185 23.65 -9.35 14.25
C HIS C 185 22.14 -9.14 14.27
N PHE C 186 21.59 -8.48 13.24
CA PHE C 186 20.14 -8.36 13.14
C PHE C 186 19.48 -9.72 12.97
N LEU C 187 20.08 -10.60 12.16
CA LEU C 187 19.55 -11.95 12.02
C LEU C 187 19.62 -12.70 13.33
N ASP C 188 20.69 -12.49 14.10
CA ASP C 188 20.79 -13.14 15.40
C ASP C 188 19.69 -12.63 16.34
N VAL C 189 19.42 -11.33 16.31
CA VAL C 189 18.33 -10.79 17.14
C VAL C 189 16.98 -11.38 16.71
N VAL C 190 16.76 -11.46 15.40
CA VAL C 190 15.53 -12.06 14.89
C VAL C 190 15.42 -13.50 15.35
N TRP C 191 16.53 -14.23 15.37
CA TRP C 191 16.48 -15.60 15.84
C TRP C 191 16.22 -15.68 17.34
N ILE C 192 16.71 -14.69 18.09
CA ILE C 192 16.37 -14.62 19.51
C ILE C 192 14.86 -14.54 19.66
N CYS C 193 14.24 -13.64 18.90
CA CYS C 193 12.80 -13.51 18.95
C CYS C 193 12.08 -14.74 18.43
N VAL C 194 12.67 -15.46 17.48
CA VAL C 194 12.03 -16.65 16.94
C VAL C 194 12.04 -17.78 17.96
N PHE C 195 13.23 -18.14 18.45
CA PHE C 195 13.30 -19.23 19.41
C PHE C 195 12.54 -18.91 20.68
N THR C 196 12.44 -17.62 21.04
CA THR C 196 11.62 -17.27 22.19
C THR C 196 10.14 -17.44 21.87
N VAL C 197 9.70 -16.99 20.69
CA VAL C 197 8.28 -16.93 20.42
C VAL C 197 7.74 -18.27 19.94
N VAL C 198 8.34 -18.85 18.91
CA VAL C 198 7.76 -20.03 18.29
C VAL C 198 8.23 -21.29 19.03
N TYR C 199 9.52 -21.38 19.31
CA TYR C 199 10.06 -22.64 19.83
C TYR C 199 9.82 -22.80 21.32
N LEU C 200 10.11 -21.77 22.11
CA LEU C 200 9.98 -21.91 23.56
C LEU C 200 8.52 -21.84 23.99
N MET C 201 7.82 -20.77 23.60
CA MET C 201 6.40 -20.68 23.90
C MET C 201 5.61 -21.81 23.25
N GLY C 202 6.12 -22.39 22.18
CA GLY C 202 5.46 -23.55 21.60
C GLY C 202 5.45 -24.75 22.53
N ALA C 203 6.53 -24.93 23.29
CA ALA C 203 6.64 -26.00 24.27
C ALA C 203 6.36 -25.52 25.67
N MET C 204 5.45 -24.56 25.82
CA MET C 204 5.06 -23.99 27.11
C MET C 204 6.23 -23.40 27.87
N SER D 14 36.69 -3.19 21.70
CA SER D 14 35.36 -3.76 21.58
C SER D 14 35.39 -5.25 21.86
N VAL D 15 36.59 -5.82 21.94
CA VAL D 15 36.72 -7.25 22.23
C VAL D 15 36.16 -7.56 23.62
N LYS D 16 36.46 -6.72 24.60
CA LYS D 16 35.87 -6.91 25.93
C LYS D 16 34.36 -6.80 25.88
N THR D 17 33.84 -5.81 25.15
CA THR D 17 32.39 -5.66 25.02
C THR D 17 31.78 -6.87 24.35
N TYR D 18 32.40 -7.35 23.27
CA TYR D 18 31.85 -8.51 22.56
C TYR D 18 31.90 -9.77 23.41
N MET D 19 32.95 -9.94 24.21
CA MET D 19 33.01 -11.12 25.07
C MET D 19 32.00 -11.03 26.22
N THR D 20 31.79 -9.82 26.75
CA THR D 20 30.73 -9.65 27.74
C THR D 20 29.36 -9.93 27.13
N GLY D 21 29.17 -9.57 25.87
CA GLY D 21 27.95 -9.90 25.17
C GLY D 21 27.81 -11.39 24.96
N PHE D 22 28.92 -12.05 24.65
CA PHE D 22 28.91 -13.50 24.49
C PHE D 22 28.48 -14.19 25.78
N ILE D 23 29.05 -13.77 26.90
CA ILE D 23 28.73 -14.39 28.18
C ILE D 23 27.30 -14.07 28.59
N LEU D 24 26.88 -12.80 28.44
CA LEU D 24 25.54 -12.41 28.82
C LEU D 24 24.49 -13.11 27.95
N SER D 25 24.76 -13.25 26.66
CA SER D 25 23.82 -13.91 25.78
C SER D 25 23.78 -15.40 26.00
N ILE D 26 24.90 -16.02 26.36
CA ILE D 26 24.84 -17.45 26.70
C ILE D 26 24.04 -17.67 27.96
N ILE D 27 24.29 -16.85 29.00
CA ILE D 27 23.54 -17.03 30.24
C ILE D 27 22.11 -16.53 30.14
N LEU D 28 21.78 -15.79 29.08
CA LEU D 28 20.41 -15.36 28.83
C LEU D 28 19.66 -16.30 27.90
N THR D 29 20.37 -17.12 27.12
CA THR D 29 19.69 -18.14 26.33
C THR D 29 19.51 -19.44 27.10
N VAL D 30 20.49 -19.79 27.96
CA VAL D 30 20.40 -21.08 28.66
C VAL D 30 19.25 -21.08 29.65
N ILE D 31 19.13 -20.01 30.44
CA ILE D 31 18.14 -19.93 31.51
C ILE D 31 16.73 -20.18 31.01
N PRO D 32 16.25 -19.50 29.94
CA PRO D 32 14.90 -19.82 29.47
C PRO D 32 14.76 -21.23 28.94
N PHE D 33 15.79 -21.74 28.27
CA PHE D 33 15.74 -23.11 27.78
C PHE D 33 15.63 -24.10 28.93
N TRP D 34 16.42 -23.88 30.00
CA TRP D 34 16.34 -24.75 31.16
C TRP D 34 14.99 -24.62 31.84
N MET D 35 14.45 -23.41 31.94
CA MET D 35 13.14 -23.21 32.56
C MET D 35 12.06 -23.97 31.80
N VAL D 36 12.07 -23.89 30.47
CA VAL D 36 11.05 -24.56 29.68
C VAL D 36 11.24 -26.07 29.73
N MET D 37 12.49 -26.54 29.62
CA MET D 37 12.73 -27.99 29.57
C MET D 37 12.42 -28.65 30.91
N THR D 38 12.90 -28.08 32.01
CA THR D 38 12.78 -28.70 33.32
C THR D 38 11.59 -28.18 34.12
N GLY D 39 10.78 -27.30 33.54
CA GLY D 39 9.67 -26.74 34.29
C GLY D 39 10.14 -25.84 35.41
N ALA D 40 10.01 -26.32 36.65
CA ALA D 40 10.48 -25.64 37.86
C ALA D 40 9.78 -24.33 38.12
N ALA D 41 8.69 -24.04 37.40
CA ALA D 41 7.90 -22.84 37.65
C ALA D 41 6.52 -23.05 37.06
N SER D 42 5.57 -22.25 37.53
CA SER D 42 4.23 -22.29 36.99
C SER D 42 4.24 -21.81 35.54
N PRO D 43 3.31 -22.28 34.71
CA PRO D 43 3.30 -21.84 33.31
C PRO D 43 2.73 -20.43 33.16
N ALA D 44 3.14 -19.56 34.06
CA ALA D 44 3.00 -18.11 34.01
C ALA D 44 4.31 -17.41 34.34
N VAL D 45 5.07 -17.95 35.29
CA VAL D 45 6.42 -17.47 35.52
C VAL D 45 7.32 -17.82 34.36
N ILE D 46 7.10 -18.98 33.74
CA ILE D 46 7.92 -19.40 32.61
C ILE D 46 7.78 -18.42 31.46
N LEU D 47 6.54 -18.06 31.11
CA LEU D 47 6.31 -17.13 30.00
C LEU D 47 6.93 -15.77 30.29
N GLY D 48 6.70 -15.27 31.51
CA GLY D 48 7.27 -13.98 31.87
C GLY D 48 8.78 -13.97 31.81
N THR D 49 9.41 -15.02 32.34
CA THR D 49 10.87 -15.05 32.40
C THR D 49 11.46 -15.23 31.00
N ILE D 50 10.83 -16.04 30.14
CA ILE D 50 11.38 -16.20 28.80
C ILE D 50 11.23 -14.90 28.01
N LEU D 51 10.09 -14.22 28.14
CA LEU D 51 9.92 -12.95 27.46
C LEU D 51 10.92 -11.91 27.96
N ALA D 52 11.10 -11.84 29.28
CA ALA D 52 12.04 -10.86 29.85
C ALA D 52 13.47 -11.15 29.41
N MET D 53 13.88 -12.42 29.45
CA MET D 53 15.22 -12.77 29.02
C MET D 53 15.42 -12.49 27.55
N ALA D 54 14.39 -12.73 26.73
CA ALA D 54 14.49 -12.41 25.31
C ALA D 54 14.65 -10.92 25.08
N VAL D 55 13.88 -10.11 25.80
CA VAL D 55 13.99 -8.66 25.65
C VAL D 55 15.38 -8.20 26.06
N VAL D 56 15.88 -8.69 27.19
CA VAL D 56 17.19 -8.27 27.68
C VAL D 56 18.28 -8.74 26.72
N GLN D 57 18.14 -9.95 26.16
CA GLN D 57 19.13 -10.45 25.22
C GLN D 57 19.12 -9.63 23.93
N VAL D 58 17.94 -9.24 23.44
CA VAL D 58 17.86 -8.39 22.28
C VAL D 58 18.55 -7.06 22.56
N LEU D 59 18.29 -6.48 23.73
CA LEU D 59 18.92 -5.22 24.10
C LEU D 59 20.44 -5.37 24.16
N VAL D 60 20.92 -6.51 24.67
CA VAL D 60 22.36 -6.75 24.74
C VAL D 60 22.94 -6.85 23.33
N HIS D 61 22.30 -7.62 22.46
CA HIS D 61 22.79 -7.76 21.08
C HIS D 61 22.78 -6.43 20.35
N LEU D 62 21.87 -5.53 20.72
CA LEU D 62 21.82 -4.22 20.09
C LEU D 62 22.94 -3.33 20.60
N VAL D 63 23.01 -3.15 21.93
CA VAL D 63 23.94 -2.18 22.50
C VAL D 63 25.38 -2.64 22.31
N CYS D 64 25.64 -3.95 22.42
CA CYS D 64 27.00 -4.46 22.35
C CYS D 64 27.45 -4.75 20.93
N PHE D 65 26.77 -5.69 20.26
CA PHE D 65 27.26 -6.18 18.98
C PHE D 65 26.97 -5.21 17.85
N LEU D 66 25.81 -4.58 17.87
CA LEU D 66 25.45 -3.61 16.84
C LEU D 66 25.99 -2.21 17.13
N HIS D 67 26.61 -2.00 18.29
CA HIS D 67 27.21 -0.72 18.66
C HIS D 67 26.18 0.40 18.60
N MET D 68 24.91 0.08 18.84
CA MET D 68 23.84 1.07 18.74
C MET D 68 24.00 2.11 19.85
N ASN D 69 24.10 3.37 19.44
CA ASN D 69 24.21 4.48 20.38
C ASN D 69 23.41 5.66 19.85
N THR D 70 23.02 6.54 20.76
CA THR D 70 22.22 7.69 20.38
C THR D 70 23.01 8.67 19.51
N LYS D 71 24.32 8.76 19.73
CA LYS D 71 25.13 9.75 19.03
C LYS D 71 25.44 9.39 17.59
N SER D 72 25.39 8.10 17.23
CA SER D 72 25.74 7.68 15.88
C SER D 72 24.78 8.26 14.86
N ASP D 73 25.33 8.59 13.68
CA ASP D 73 24.56 9.10 12.55
C ASP D 73 23.78 10.36 12.89
N GLU D 74 24.30 11.15 13.84
CA GLU D 74 23.60 12.32 14.38
C GLU D 74 22.17 11.93 14.74
N GLY D 75 22.02 10.99 15.67
CA GLY D 75 20.72 10.39 15.87
C GLY D 75 20.35 9.55 14.67
N TRP D 76 19.05 9.37 14.49
CA TRP D 76 18.50 8.68 13.32
C TRP D 76 18.94 7.23 13.24
N ASN D 77 19.74 6.78 14.20
CA ASN D 77 20.04 5.37 14.40
C ASN D 77 19.34 4.80 15.63
N MET D 78 19.31 5.58 16.71
CA MET D 78 18.40 5.29 17.81
C MET D 78 16.98 5.67 17.43
N THR D 79 16.81 6.78 16.72
CA THR D 79 15.48 7.20 16.29
C THR D 79 14.88 6.20 15.31
N ALA D 80 15.69 5.71 14.36
CA ALA D 80 15.17 4.77 13.38
C ALA D 80 14.75 3.47 14.05
N PHE D 81 15.55 2.96 14.98
CA PHE D 81 15.17 1.72 15.65
C PHE D 81 13.97 1.93 16.56
N VAL D 82 13.90 3.08 17.22
CA VAL D 82 12.75 3.33 18.09
C VAL D 82 11.47 3.39 17.26
N PHE D 83 11.50 4.10 16.14
CA PHE D 83 10.32 4.17 15.28
C PHE D 83 9.98 2.81 14.70
N THR D 84 11.00 2.04 14.30
CA THR D 84 10.75 0.73 13.71
C THR D 84 10.16 -0.23 14.73
N VAL D 85 10.65 -0.20 15.97
CA VAL D 85 10.09 -1.09 16.98
C VAL D 85 8.72 -0.60 17.44
N LEU D 86 8.45 0.70 17.33
CA LEU D 86 7.10 1.18 17.58
C LEU D 86 6.13 0.73 16.50
N ILE D 87 6.58 0.72 15.25
CA ILE D 87 5.73 0.22 14.17
C ILE D 87 5.56 -1.28 14.29
N ILE D 88 6.61 -2.00 14.70
CA ILE D 88 6.50 -3.44 14.92
C ILE D 88 5.49 -3.72 16.03
N ALA D 89 5.55 -2.95 17.12
CA ALA D 89 4.61 -3.16 18.21
C ALA D 89 3.19 -2.83 17.76
N ILE D 90 3.02 -1.73 17.02
CA ILE D 90 1.68 -1.37 16.55
C ILE D 90 1.13 -2.47 15.65
N LEU D 91 1.91 -2.90 14.67
CA LEU D 91 1.43 -3.89 13.72
C LEU D 91 1.12 -5.21 14.41
N VAL D 92 2.05 -5.71 15.24
CA VAL D 92 1.85 -7.03 15.83
C VAL D 92 0.72 -7.00 16.85
N VAL D 93 0.71 -6.00 17.74
CA VAL D 93 -0.32 -5.94 18.77
C VAL D 93 -1.68 -5.69 18.15
N GLY D 94 -1.77 -4.76 17.19
CA GLY D 94 -3.04 -4.52 16.54
C GLY D 94 -3.53 -5.69 15.72
N SER D 95 -2.63 -6.41 15.06
CA SER D 95 -3.03 -7.59 14.31
C SER D 95 -3.53 -8.67 15.25
N ILE D 96 -2.85 -8.86 16.39
CA ILE D 96 -3.28 -9.89 17.32
C ILE D 96 -4.61 -9.53 17.98
N TRP D 97 -4.81 -8.27 18.32
CA TRP D 97 -6.06 -7.84 18.91
C TRP D 97 -7.22 -7.93 17.92
N ILE D 98 -6.99 -7.46 16.68
CA ILE D 98 -8.01 -7.52 15.66
C ILE D 98 -8.37 -8.97 15.35
N MET D 99 -7.37 -9.83 15.18
CA MET D 99 -7.65 -11.21 14.83
C MET D 99 -8.27 -11.97 15.99
N TRP D 100 -7.92 -11.64 17.23
CA TRP D 100 -8.55 -12.29 18.37
C TRP D 100 -10.02 -11.88 18.47
N ASN D 101 -10.30 -10.59 18.32
CA ASN D 101 -11.70 -10.14 18.37
C ASN D 101 -12.49 -10.73 17.22
N LEU D 102 -11.89 -10.81 16.04
CA LEU D 102 -12.56 -11.43 14.89
C LEU D 102 -12.86 -12.89 15.16
N ASN D 103 -11.86 -13.65 15.59
CA ASN D 103 -12.06 -15.08 15.80
C ASN D 103 -13.09 -15.34 16.89
N TYR D 104 -13.12 -14.49 17.92
CA TYR D 104 -14.22 -14.59 18.88
C TYR D 104 -15.56 -14.30 18.21
N ASN D 105 -15.60 -13.27 17.37
CA ASN D 105 -16.83 -12.95 16.65
C ASN D 105 -17.10 -13.88 15.48
N MET D 106 -16.17 -14.75 15.12
CA MET D 106 -16.39 -15.73 14.06
C MET D 106 -16.84 -17.08 14.59
N MET D 107 -17.14 -17.17 15.89
CA MET D 107 -17.43 -18.45 16.52
C MET D 107 -18.92 -18.76 16.48
N MET D 108 -19.24 -20.04 16.67
CA MET D 108 -20.62 -20.51 16.59
C MET D 108 -21.50 -19.90 17.67
N HIS D 109 -20.88 -19.45 18.76
CA HIS D 109 -21.62 -18.87 19.89
C HIS D 109 -22.61 -17.80 19.45
#